data_6PHZ
#
_entry.id   6PHZ
#
_cell.length_a   47.370
_cell.length_b   82.360
_cell.length_c   90.720
_cell.angle_alpha   90.00
_cell.angle_beta   98.22
_cell.angle_gamma   90.00
#
_symmetry.space_group_name_H-M   'P 1 21 1'
#
loop_
_entity.id
_entity.type
_entity.pdbx_description
1 polymer 'Acetylpolyamine Amidohydrolase'
2 non-polymer 'POTASSIUM ION'
3 non-polymer 'ZINC ION'
4 non-polymer 'MAGNESIUM ION'
5 non-polymer 7-[(3-aminopropyl)amino]-1,1,1-trifluoroheptane-2,2-diol
6 water water
#
_entity_poly.entity_id   1
_entity_poly.type   'polypeptide(L)'
_entity_poly.pdbx_seq_one_letter_code
;GPLGSMKTVFSPLHSRRHVKTELDGGLLIEPHEKPSRAETILARVKDQALGEILEPEEFGLGPVKRVHTADYVSFLETCW
DEWVAAGKRGEAIPTFWVGRGMRARLPKDIDGRLGYYSLGADTSISDGTWEAARASANVALTAQKLVAEGERAAFALCRP
PGHHAHADVFGGYCFFNNAAIAAQAFRDQGYGKVAVLDVDFHHGNGTQAIFYDRSDVLTISLHGDPDLVFPHFLGFEDET
GEGDGEAYNLNIVFPPDTPFSIWSQGLEKACERIRTFAPDALVVALGVDTFEEDPISFFKLTSGDYLKLGKRLEQLGLPT
VFTMEGGYDVDAIGVNAVNVMQGFEGKS
;
_entity_poly.pdbx_strand_id   A,B
#
loop_
_chem_comp.id
_chem_comp.type
_chem_comp.name
_chem_comp.formula
FKS non-polymer 7-[(3-aminopropyl)amino]-1,1,1-trifluoroheptane-2,2-diol 'C10 H21 F3 N2 O2'
K non-polymer 'POTASSIUM ION' 'K 1'
MG non-polymer 'MAGNESIUM ION' 'Mg 2'
ZN non-polymer 'ZINC ION' 'Zn 2'
#
# COMPACT_ATOMS: atom_id res chain seq x y z
N GLY A 1 30.71 38.71 3.02
CA GLY A 1 29.58 39.53 3.42
C GLY A 1 29.27 39.34 4.89
N PRO A 2 28.59 40.32 5.49
CA PRO A 2 28.26 40.20 6.91
C PRO A 2 27.17 39.18 7.17
N LEU A 3 27.15 38.69 8.40
CA LEU A 3 26.12 37.75 8.84
C LEU A 3 24.74 38.39 8.74
N GLY A 4 23.83 37.72 8.02
CA GLY A 4 22.45 38.16 7.93
C GLY A 4 21.65 37.87 9.19
N SER A 5 20.36 38.20 9.12
CA SER A 5 19.46 38.10 10.27
C SER A 5 18.56 36.88 10.23
N MET A 6 18.58 36.12 9.13
CA MET A 6 17.76 34.91 9.03
C MET A 6 18.50 33.76 9.71
N LYS A 7 18.01 33.36 10.87
CA LYS A 7 18.62 32.26 11.61
C LYS A 7 18.17 30.91 11.07
N THR A 8 19.07 29.93 11.16
CA THR A 8 18.81 28.57 10.73
C THR A 8 18.88 27.65 11.93
N VAL A 9 17.89 26.77 12.08
CA VAL A 9 17.90 25.73 13.11
C VAL A 9 18.29 24.41 12.45
N PHE A 10 19.23 23.71 13.07
CA PHE A 10 19.81 22.51 12.48
C PHE A 10 20.16 21.52 13.60
N SER A 11 19.73 20.27 13.45
CA SER A 11 20.04 19.22 14.42
C SER A 11 21.03 18.23 13.83
N PRO A 12 22.19 17.99 14.46
CA PRO A 12 23.06 16.89 13.99
C PRO A 12 22.39 15.52 14.10
N LEU A 13 21.31 15.39 14.89
CA LEU A 13 20.63 14.11 15.03
C LEU A 13 19.92 13.67 13.75
N HIS A 14 19.88 14.52 12.71
CA HIS A 14 19.25 14.10 11.46
C HIS A 14 19.97 12.90 10.87
N SER A 15 21.28 12.80 11.07
CA SER A 15 22.07 11.68 10.57
C SER A 15 21.76 10.37 11.27
N ARG A 16 20.94 10.38 12.33
CA ARG A 16 20.46 9.13 12.90
C ARG A 16 19.51 8.40 11.94
N ARG A 17 18.85 9.12 11.04
CA ARG A 17 18.09 8.49 9.96
C ARG A 17 19.04 8.31 8.78
N HIS A 18 19.48 7.09 8.57
CA HIS A 18 20.48 6.84 7.54
C HIS A 18 20.21 5.43 7.00
N VAL A 19 19.19 5.32 6.17
CA VAL A 19 18.74 4.00 5.72
C VAL A 19 19.60 3.52 4.57
N LYS A 20 19.60 2.20 4.38
CA LYS A 20 20.42 1.57 3.36
C LYS A 20 19.64 1.17 2.11
N THR A 21 18.33 1.01 2.22
CA THR A 21 17.53 0.52 1.10
C THR A 21 16.34 1.44 0.87
N GLU A 22 15.93 1.54 -0.40
CA GLU A 22 14.69 2.17 -0.84
C GLU A 22 14.11 1.38 -1.99
N LEU A 23 12.83 1.01 -1.89
CA LEU A 23 12.15 0.35 -3.00
C LEU A 23 11.92 1.37 -4.12
N ASP A 24 12.48 1.10 -5.29
CA ASP A 24 12.31 2.00 -6.45
C ASP A 24 12.30 1.16 -7.71
N GLY A 25 11.19 1.23 -8.46
CA GLY A 25 11.09 0.51 -9.72
C GLY A 25 11.32 -0.99 -9.59
N GLY A 26 10.86 -1.59 -8.50
CA GLY A 26 11.01 -3.00 -8.29
C GLY A 26 12.37 -3.44 -7.79
N LEU A 27 13.27 -2.48 -7.50
CA LEU A 27 14.57 -2.78 -6.96
C LEU A 27 14.72 -2.13 -5.59
N LEU A 28 15.53 -2.75 -4.74
CA LEU A 28 15.98 -2.13 -3.50
C LEU A 28 17.31 -1.44 -3.77
N ILE A 29 17.30 -0.11 -3.82
CA ILE A 29 18.48 0.67 -4.18
C ILE A 29 18.88 1.61 -3.06
N GLU A 30 19.99 2.35 -3.25
CA GLU A 30 20.40 3.37 -2.28
C GLU A 30 19.36 4.48 -2.24
N PRO A 31 19.02 4.98 -1.04
CA PRO A 31 17.89 5.92 -0.94
C PRO A 31 18.22 7.28 -1.52
N HIS A 32 17.16 7.95 -1.98
CA HIS A 32 17.32 9.27 -2.56
C HIS A 32 17.40 10.36 -1.50
N GLU A 33 16.79 10.16 -0.33
CA GLU A 33 16.74 11.17 0.73
C GLU A 33 17.88 10.94 1.72
N LYS A 34 19.15 11.38 1.29
CA LYS A 34 20.40 11.11 2.00
C LYS A 34 20.71 12.17 3.05
N PRO A 35 21.48 11.80 4.08
CA PRO A 35 21.96 12.80 5.05
C PRO A 35 22.75 13.93 4.41
N SER A 36 23.47 13.67 3.31
CA SER A 36 24.22 14.73 2.66
C SER A 36 23.33 15.88 2.19
N ARG A 37 22.02 15.66 2.01
CA ARG A 37 21.13 16.75 1.64
C ARG A 37 21.22 17.88 2.65
N ALA A 38 21.04 17.55 3.94
CA ALA A 38 21.02 18.57 4.97
C ALA A 38 22.40 19.16 5.20
N GLU A 39 23.45 18.32 5.14
CA GLU A 39 24.81 18.83 5.33
C GLU A 39 25.20 19.82 4.23
N THR A 40 24.83 19.53 2.98
CA THR A 40 25.20 20.42 1.88
C THR A 40 24.43 21.72 1.93
N ILE A 41 23.16 21.68 2.33
CA ILE A 41 22.43 22.93 2.53
C ILE A 41 23.07 23.72 3.68
N LEU A 42 23.39 23.05 4.78
CA LEU A 42 24.01 23.73 5.92
C LEU A 42 25.33 24.39 5.51
N ALA A 43 26.10 23.73 4.64
CA ALA A 43 27.37 24.32 4.21
C ALA A 43 27.14 25.63 3.47
N ARG A 44 26.09 25.70 2.66
CA ARG A 44 25.79 26.96 1.98
C ARG A 44 25.31 28.03 2.95
N VAL A 45 24.52 27.62 3.96
CA VAL A 45 24.11 28.57 4.99
C VAL A 45 25.33 29.23 5.62
N LYS A 46 26.34 28.42 5.97
CA LYS A 46 27.56 28.95 6.55
C LYS A 46 28.34 29.77 5.53
N ASP A 47 28.50 29.24 4.32
CA ASP A 47 29.31 29.89 3.30
C ASP A 47 28.70 31.21 2.83
N GLN A 48 27.37 31.33 2.89
CA GLN A 48 26.72 32.59 2.56
C GLN A 48 26.52 33.48 3.79
N ALA A 49 26.91 33.03 4.97
CA ALA A 49 26.73 33.80 6.20
C ALA A 49 25.30 34.34 6.28
N LEU A 50 24.36 33.41 6.07
CA LEU A 50 22.95 33.78 6.04
C LEU A 50 22.48 34.32 7.38
N GLY A 51 23.04 33.79 8.46
CA GLY A 51 22.59 34.13 9.79
C GLY A 51 23.12 33.12 10.78
N GLU A 52 22.79 33.37 12.04
CA GLU A 52 23.19 32.47 13.10
C GLU A 52 22.60 31.08 12.88
N ILE A 53 23.33 30.06 13.33
CA ILE A 53 22.91 28.66 13.26
C ILE A 53 22.83 28.14 14.68
N LEU A 54 21.72 27.50 15.02
CA LEU A 54 21.53 26.97 16.36
C LEU A 54 20.93 25.58 16.30
N GLU A 55 21.17 24.80 17.35
CA GLU A 55 20.55 23.49 17.53
C GLU A 55 19.14 23.66 18.08
N PRO A 56 18.24 22.71 17.84
CA PRO A 56 16.88 22.83 18.36
C PRO A 56 16.81 22.62 19.86
N GLU A 57 15.78 23.21 20.46
CA GLU A 57 15.31 22.87 21.80
C GLU A 57 14.51 21.57 21.77
N GLU A 58 14.52 20.83 22.89
CA GLU A 58 13.67 19.64 23.00
C GLU A 58 12.32 20.06 23.57
N PHE A 59 11.28 20.01 22.73
CA PHE A 59 9.95 20.39 23.19
C PHE A 59 9.11 19.21 23.66
N GLY A 60 9.60 17.99 23.48
CA GLY A 60 8.82 16.82 23.84
C GLY A 60 7.72 16.52 22.83
N LEU A 61 7.05 15.38 23.06
CA LEU A 61 6.04 14.90 22.14
C LEU A 61 4.73 15.67 22.20
N GLY A 62 4.52 16.54 23.20
CA GLY A 62 3.29 17.29 23.30
C GLY A 62 2.89 18.02 22.02
N PRO A 63 3.75 18.90 21.51
CA PRO A 63 3.38 19.63 20.28
C PRO A 63 3.28 18.74 19.05
N VAL A 64 4.00 17.61 19.03
CA VAL A 64 3.84 16.62 17.96
C VAL A 64 2.43 16.04 17.99
N LYS A 65 1.92 15.72 19.18
CA LYS A 65 0.63 15.07 19.35
C LYS A 65 -0.54 16.04 19.24
N ARG A 66 -0.27 17.35 19.09
CA ARG A 66 -1.32 18.27 18.65
C ARG A 66 -1.71 18.02 17.19
N VAL A 67 -0.86 17.34 16.43
CA VAL A 67 -1.07 17.07 15.02
C VAL A 67 -1.25 15.58 14.74
N HIS A 68 -0.44 14.74 15.37
CA HIS A 68 -0.45 13.32 15.09
C HIS A 68 -1.15 12.55 16.21
N THR A 69 -1.77 11.42 15.86
CA THR A 69 -2.48 10.63 16.86
C THR A 69 -1.49 9.92 17.77
N ALA A 70 -1.94 9.62 19.00
CA ALA A 70 -1.05 8.99 19.98
C ALA A 70 -0.65 7.59 19.52
N ASP A 71 -1.59 6.84 18.93
CA ASP A 71 -1.27 5.50 18.45
C ASP A 71 -0.17 5.54 17.40
N TYR A 72 -0.23 6.52 16.49
CA TYR A 72 0.78 6.64 15.44
C TYR A 72 2.14 6.98 16.02
N VAL A 73 2.17 7.92 16.97
CA VAL A 73 3.42 8.30 17.60
C VAL A 73 4.02 7.12 18.36
N SER A 74 3.18 6.34 19.04
CA SER A 74 3.69 5.16 19.72
C SER A 74 4.25 4.16 18.72
N PHE A 75 3.58 4.03 17.58
CA PHE A 75 4.02 3.09 16.56
C PHE A 75 5.43 3.43 16.08
N LEU A 76 5.68 4.71 15.79
CA LEU A 76 6.98 5.09 15.26
C LEU A 76 8.09 4.87 16.29
N GLU A 77 7.76 4.96 17.57
CA GLU A 77 8.78 4.74 18.59
C GLU A 77 9.17 3.26 18.67
N THR A 78 8.22 2.36 18.47
CA THR A 78 8.49 0.93 18.66
C THR A 78 8.70 0.17 17.35
N CYS A 79 8.48 0.80 16.19
CA CYS A 79 8.40 0.05 14.94
C CYS A 79 9.66 -0.77 14.68
N TRP A 80 10.84 -0.14 14.75
CA TRP A 80 12.07 -0.87 14.48
C TRP A 80 12.24 -2.05 15.44
N ASP A 81 12.06 -1.81 16.74
CA ASP A 81 12.19 -2.88 17.73
C ASP A 81 11.23 -4.04 17.45
N GLU A 82 9.96 -3.74 17.18
CA GLU A 82 9.01 -4.81 16.84
C GLU A 82 9.46 -5.57 15.59
N TRP A 83 9.93 -4.85 14.57
CA TRP A 83 10.35 -5.46 13.31
C TRP A 83 11.46 -6.48 13.53
N VAL A 84 12.51 -6.07 14.24
CA VAL A 84 13.63 -6.96 14.53
C VAL A 84 13.16 -8.15 15.35
N ALA A 85 12.29 -7.89 16.35
CA ALA A 85 11.79 -8.93 17.23
C ALA A 85 10.97 -9.98 16.49
N ALA A 86 10.32 -9.60 15.39
CA ALA A 86 9.57 -10.55 14.58
C ALA A 86 10.47 -11.36 13.64
N GLY A 87 11.76 -11.08 13.61
CA GLY A 87 12.68 -11.87 12.81
C GLY A 87 12.92 -11.37 11.40
N LYS A 88 12.39 -10.20 11.03
CA LYS A 88 12.66 -9.73 9.69
C LYS A 88 14.12 -9.32 9.58
N ARG A 89 14.71 -9.54 8.40
CA ARG A 89 16.14 -9.33 8.23
C ARG A 89 16.49 -8.05 7.46
N GLY A 90 15.59 -7.50 6.68
CA GLY A 90 15.82 -6.25 5.99
C GLY A 90 15.45 -5.05 6.85
N GLU A 91 15.46 -3.88 6.22
CA GLU A 91 14.89 -2.73 6.92
C GLU A 91 13.37 -2.88 6.96
N ALA A 92 12.72 -2.06 7.79
CA ALA A 92 11.28 -2.16 7.99
C ALA A 92 10.54 -1.49 6.83
N ILE A 93 9.91 -2.30 5.97
CA ILE A 93 9.22 -1.82 4.77
C ILE A 93 7.84 -2.45 4.71
N PRO A 94 6.79 -1.69 4.42
CA PRO A 94 5.45 -2.29 4.31
C PRO A 94 5.40 -3.32 3.19
N THR A 95 4.76 -4.46 3.45
CA THR A 95 4.49 -5.45 2.41
C THR A 95 3.00 -5.54 2.05
N PHE A 96 2.12 -5.30 3.01
CA PHE A 96 0.66 -5.32 2.80
C PHE A 96 0.06 -4.06 3.38
N TRP A 97 -1.10 -3.65 2.86
CA TRP A 97 -1.76 -2.43 3.32
C TRP A 97 -3.27 -2.58 3.23
N VAL A 98 -3.99 -1.53 3.66
CA VAL A 98 -5.44 -1.53 3.56
C VAL A 98 -5.85 -1.25 2.11
N GLY A 99 -5.95 -2.29 1.30
CA GLY A 99 -6.41 -2.14 -0.06
C GLY A 99 -7.89 -1.77 -0.12
N ARG A 100 -8.29 -1.23 -1.28
CA ARG A 100 -9.68 -0.83 -1.46
C ARG A 100 -10.62 -2.01 -1.23
N GLY A 101 -11.60 -1.81 -0.37
CA GLY A 101 -12.52 -2.85 0.00
C GLY A 101 -12.19 -3.54 1.31
N MET A 102 -11.02 -3.27 1.87
CA MET A 102 -10.66 -3.81 3.18
C MET A 102 -10.99 -2.80 4.27
N ARG A 103 -10.88 -3.25 5.52
CA ARG A 103 -11.20 -2.42 6.67
C ARG A 103 -10.02 -1.61 7.16
N ALA A 104 -10.29 -0.36 7.51
CA ALA A 104 -9.35 0.51 8.21
C ALA A 104 -9.27 0.11 9.69
N ARG A 105 -8.80 -1.11 9.93
CA ARG A 105 -8.76 -1.69 11.27
C ARG A 105 -7.32 -1.99 11.65
N LEU A 106 -6.88 -1.46 12.80
CA LEU A 106 -5.51 -1.69 13.24
C LEU A 106 -5.31 -3.12 13.71
N PRO A 107 -4.37 -3.89 13.12
CA PRO A 107 -4.12 -5.26 13.57
C PRO A 107 -3.02 -5.34 14.62
N LYS A 108 -2.71 -6.55 15.10
CA LYS A 108 -1.65 -6.75 16.10
C LYS A 108 -0.27 -6.93 15.47
N ASP A 109 -0.18 -7.68 14.38
CA ASP A 109 1.12 -8.05 13.83
C ASP A 109 1.86 -6.82 13.30
N ILE A 110 3.19 -6.83 13.42
CA ILE A 110 3.97 -5.68 12.97
C ILE A 110 3.78 -5.41 11.48
N ASP A 111 3.63 -6.47 10.67
CA ASP A 111 3.43 -6.25 9.24
C ASP A 111 2.12 -5.51 8.97
N GLY A 112 1.04 -5.93 9.63
CA GLY A 112 -0.22 -5.22 9.49
C GLY A 112 -0.15 -3.79 9.98
N ARG A 113 0.55 -3.54 11.09
CA ARG A 113 0.62 -2.18 11.60
C ARG A 113 1.41 -1.28 10.65
N LEU A 114 2.55 -1.78 10.15
CA LEU A 114 3.32 -1.05 9.15
C LEU A 114 2.46 -0.62 7.97
N GLY A 115 1.62 -1.54 7.47
CA GLY A 115 0.78 -1.20 6.33
C GLY A 115 -0.33 -0.22 6.67
N TYR A 116 -1.01 -0.45 7.82
CA TYR A 116 -2.02 0.47 8.30
C TYR A 116 -1.52 1.91 8.39
N TYR A 117 -0.27 2.10 8.82
CA TYR A 117 0.25 3.44 9.07
C TYR A 117 1.03 4.02 7.89
N SER A 118 0.97 3.37 6.71
CA SER A 118 1.78 3.82 5.59
C SER A 118 0.94 4.07 4.35
N LEU A 119 1.46 4.93 3.48
CA LEU A 119 0.91 5.13 2.15
C LEU A 119 1.89 4.72 1.06
N GLY A 120 3.07 4.23 1.42
CA GLY A 120 4.07 3.87 0.43
C GLY A 120 5.14 2.98 1.03
N ALA A 121 5.90 2.34 0.15
CA ALA A 121 6.95 1.42 0.54
C ALA A 121 8.35 1.94 0.24
N ASP A 122 8.49 3.21 -0.13
CA ASP A 122 9.81 3.77 -0.42
C ASP A 122 10.49 4.37 0.79
N THR A 123 9.88 4.26 1.97
CA THR A 123 10.35 4.97 3.16
C THR A 123 10.68 3.96 4.25
N SER A 124 11.84 3.30 4.09
CA SER A 124 12.25 2.29 5.06
C SER A 124 12.43 2.91 6.43
N ILE A 125 12.04 2.17 7.47
CA ILE A 125 12.31 2.56 8.85
C ILE A 125 13.46 1.71 9.37
N SER A 126 14.40 2.35 10.06
CA SER A 126 15.47 1.59 10.71
C SER A 126 15.82 2.26 12.02
N ASP A 127 16.90 1.78 12.64
CA ASP A 127 17.34 2.34 13.91
C ASP A 127 17.71 3.80 13.74
N GLY A 128 17.21 4.64 14.64
CA GLY A 128 17.47 6.05 14.59
C GLY A 128 16.42 6.87 13.87
N THR A 129 15.49 6.23 13.18
CA THR A 129 14.43 6.96 12.49
C THR A 129 13.58 7.74 13.50
N TRP A 130 13.14 7.08 14.58
CA TRP A 130 12.39 7.72 15.64
C TRP A 130 13.10 8.97 16.17
N GLU A 131 14.39 8.83 16.51
CA GLU A 131 15.13 9.95 17.06
C GLU A 131 15.29 11.08 16.04
N ALA A 132 15.58 10.75 14.77
CA ALA A 132 15.74 11.80 13.77
C ALA A 132 14.41 12.52 13.51
N ALA A 133 13.31 11.78 13.42
CA ALA A 133 12.01 12.41 13.24
C ALA A 133 11.69 13.33 14.41
N ARG A 134 12.00 12.89 15.63
CA ARG A 134 11.80 13.75 16.80
C ARG A 134 12.62 15.02 16.68
N ALA A 135 13.90 14.90 16.32
CA ALA A 135 14.77 16.07 16.22
C ALA A 135 14.28 17.03 15.14
N SER A 136 13.76 16.48 14.05
CA SER A 136 13.32 17.31 12.93
C SER A 136 12.06 18.09 13.31
N ALA A 137 11.14 17.50 14.07
CA ALA A 137 10.00 18.26 14.55
C ALA A 137 10.45 19.37 15.48
N ASN A 138 11.47 19.10 16.31
CA ASN A 138 12.00 20.10 17.23
C ASN A 138 12.68 21.22 16.45
N VAL A 139 13.32 20.90 15.33
CA VAL A 139 13.88 21.93 14.45
C VAL A 139 12.78 22.89 14.01
N ALA A 140 11.66 22.35 13.53
CA ALA A 140 10.56 23.23 13.12
C ALA A 140 10.01 24.02 14.31
N LEU A 141 9.89 23.38 15.47
CA LEU A 141 9.29 24.05 16.62
C LEU A 141 10.20 25.11 17.19
N THR A 142 11.52 24.89 17.10
CA THR A 142 12.47 25.92 17.50
C THR A 142 12.39 27.12 16.57
N ALA A 143 12.25 26.85 15.27
CA ALA A 143 12.07 27.95 14.31
C ALA A 143 10.80 28.73 14.63
N GLN A 144 9.71 28.02 14.91
CA GLN A 144 8.46 28.69 15.26
C GLN A 144 8.65 29.58 16.49
N LYS A 145 9.33 29.06 17.53
CA LYS A 145 9.55 29.86 18.73
C LYS A 145 10.37 31.11 18.43
N LEU A 146 11.38 31.00 17.56
CA LEU A 146 12.20 32.16 17.23
C LEU A 146 11.34 33.27 16.64
N VAL A 147 10.40 32.91 15.78
CA VAL A 147 9.51 33.90 15.16
C VAL A 147 8.51 34.41 16.20
N ALA A 148 7.94 33.51 17.02
CA ALA A 148 7.01 33.97 18.06
C ALA A 148 7.66 34.98 19.01
N GLU A 149 8.96 34.86 19.24
CA GLU A 149 9.68 35.72 20.18
C GLU A 149 10.30 36.95 19.51
N GLY A 150 10.07 37.16 18.22
CA GLY A 150 10.43 38.46 17.66
C GLY A 150 11.03 38.45 16.27
N GLU A 151 11.54 37.29 15.83
CA GLU A 151 12.16 37.24 14.52
C GLU A 151 11.09 37.31 13.44
N ARG A 152 11.40 38.02 12.34
CA ARG A 152 10.48 38.07 11.22
C ARG A 152 10.32 36.69 10.57
N ALA A 153 11.42 35.95 10.44
CA ALA A 153 11.41 34.65 9.78
C ALA A 153 12.52 33.80 10.34
N ALA A 154 12.37 32.48 10.20
CA ALA A 154 13.45 31.57 10.55
C ALA A 154 13.41 30.37 9.61
N PHE A 155 14.55 29.73 9.44
CA PHE A 155 14.72 28.60 8.53
C PHE A 155 14.89 27.32 9.38
N ALA A 156 13.89 26.44 9.33
CA ALA A 156 13.96 25.12 9.99
C ALA A 156 14.56 24.15 8.97
N LEU A 157 15.84 23.80 9.16
CA LEU A 157 16.52 22.91 8.22
C LEU A 157 16.21 21.46 8.61
N CYS A 158 14.95 21.09 8.37
CA CYS A 158 14.43 19.79 8.76
C CYS A 158 14.94 18.68 7.85
N ARG A 159 15.31 17.57 8.46
CA ARG A 159 15.53 16.28 7.81
C ARG A 159 15.36 15.20 8.88
N PRO A 160 14.41 14.27 8.70
CA PRO A 160 13.60 14.04 7.48
C PRO A 160 12.54 15.13 7.24
N PRO A 161 12.05 15.21 5.99
CA PRO A 161 10.99 16.18 5.68
C PRO A 161 9.63 15.74 6.24
N GLY A 162 8.60 16.57 6.09
CA GLY A 162 7.35 16.26 6.75
C GLY A 162 6.06 16.34 5.96
N HIS A 163 6.04 17.05 4.82
CA HIS A 163 4.73 17.45 4.31
C HIS A 163 3.86 16.28 3.80
N HIS A 164 4.41 15.09 3.61
CA HIS A 164 3.58 13.97 3.15
C HIS A 164 2.96 13.17 4.30
N ALA A 165 3.30 13.48 5.55
CA ALA A 165 2.80 12.69 6.68
C ALA A 165 1.43 13.20 7.12
N HIS A 166 0.46 12.29 7.19
CA HIS A 166 -0.86 12.62 7.74
C HIS A 166 -0.81 12.52 9.27
N ALA A 167 -1.94 12.79 9.92
CA ALA A 167 -2.00 12.64 11.38
C ALA A 167 -1.51 11.25 11.82
N ASP A 168 -1.81 10.21 11.03
CA ASP A 168 -1.42 8.87 11.40
C ASP A 168 -0.95 8.06 10.18
N VAL A 169 -0.24 8.70 9.24
CA VAL A 169 0.28 8.00 8.05
C VAL A 169 1.63 8.58 7.69
N PHE A 170 2.61 7.70 7.48
CA PHE A 170 3.92 8.12 7.02
C PHE A 170 4.14 7.62 5.61
N GLY A 171 5.10 8.25 4.94
CA GLY A 171 5.39 7.94 3.56
C GLY A 171 6.06 9.13 2.89
N GLY A 172 6.45 8.92 1.65
CA GLY A 172 7.16 9.96 0.92
C GLY A 172 8.35 10.53 1.68
N TYR A 173 9.06 9.67 2.42
CA TYR A 173 10.25 10.03 3.22
C TYR A 173 9.92 10.83 4.47
N CYS A 174 8.64 10.96 4.83
CA CYS A 174 8.20 11.84 5.90
C CYS A 174 7.60 11.03 7.05
N PHE A 175 7.85 11.49 8.28
CA PHE A 175 7.28 10.84 9.46
C PHE A 175 6.43 11.76 10.30
N PHE A 176 6.96 12.90 10.73
CA PHE A 176 6.21 13.93 11.43
C PHE A 176 6.07 15.13 10.51
N ASN A 177 4.86 15.69 10.44
CA ASN A 177 4.61 16.82 9.54
C ASN A 177 5.09 18.07 10.26
N ASN A 178 6.36 18.39 10.03
CA ASN A 178 7.00 19.51 10.71
C ASN A 178 6.27 20.82 10.45
N ALA A 179 5.89 21.07 9.19
CA ALA A 179 5.16 22.27 8.85
C ALA A 179 3.85 22.36 9.62
N ALA A 180 3.08 21.27 9.66
CA ALA A 180 1.81 21.29 10.38
C ALA A 180 2.05 21.49 11.86
N ILE A 181 3.10 20.86 12.40
CA ILE A 181 3.41 20.96 13.82
C ILE A 181 3.71 22.40 14.18
N ALA A 182 4.45 23.10 13.32
CA ALA A 182 4.73 24.51 13.56
C ALA A 182 3.48 25.37 13.39
N ALA A 183 2.61 25.02 12.44
CA ALA A 183 1.37 25.80 12.26
C ALA A 183 0.49 25.68 13.49
N GLN A 184 0.33 24.46 14.01
CA GLN A 184 -0.47 24.22 15.20
C GLN A 184 0.13 24.89 16.43
N ALA A 185 1.46 24.96 16.52
CA ALA A 185 2.11 25.67 17.62
C ALA A 185 1.79 27.15 17.58
N PHE A 186 1.78 27.74 16.38
CA PHE A 186 1.30 29.13 16.26
C PHE A 186 -0.11 29.25 16.80
N ARG A 187 -1.00 28.37 16.34
CA ARG A 187 -2.39 28.40 16.77
C ARG A 187 -2.49 28.25 18.29
N ASP A 188 -1.77 27.27 18.86
CA ASP A 188 -1.80 27.02 20.30
C ASP A 188 -1.26 28.19 21.09
N GLN A 189 -0.45 29.05 20.49
CA GLN A 189 0.13 30.19 21.18
C GLN A 189 -0.65 31.48 20.96
N GLY A 190 -1.86 31.41 20.40
CA GLY A 190 -2.67 32.61 20.27
C GLY A 190 -2.64 33.31 18.93
N TYR A 191 -1.88 32.79 17.96
CA TYR A 191 -2.04 33.25 16.59
C TYR A 191 -3.38 32.75 16.04
N GLY A 192 -4.27 33.69 15.69
CA GLY A 192 -5.64 33.32 15.35
C GLY A 192 -5.75 32.41 14.14
N LYS A 193 -4.99 32.70 13.09
CA LYS A 193 -5.02 31.92 11.87
C LYS A 193 -3.63 31.80 11.28
N VAL A 194 -3.41 30.69 10.56
CA VAL A 194 -2.12 30.37 9.98
C VAL A 194 -2.35 29.86 8.56
N ALA A 195 -1.44 30.22 7.66
CA ALA A 195 -1.44 29.66 6.32
C ALA A 195 -0.18 28.82 6.12
N VAL A 196 -0.33 27.70 5.42
CA VAL A 196 0.77 26.80 5.12
C VAL A 196 0.86 26.71 3.60
N LEU A 197 1.97 27.20 3.04
CA LEU A 197 2.15 27.24 1.60
C LEU A 197 3.24 26.26 1.21
N ASP A 198 2.90 25.35 0.31
CA ASP A 198 3.76 24.22 -0.04
C ASP A 198 4.30 24.45 -1.45
N VAL A 199 5.58 24.78 -1.57
CA VAL A 199 6.21 25.03 -2.87
C VAL A 199 7.09 23.87 -3.33
N ASP A 200 7.21 22.82 -2.50
CA ASP A 200 7.86 21.58 -2.91
C ASP A 200 7.20 21.06 -4.18
N PHE A 201 7.96 20.31 -4.99
CA PHE A 201 7.43 19.83 -6.26
C PHE A 201 6.21 18.93 -6.09
N HIS A 202 6.14 18.18 -5.00
CA HIS A 202 5.03 17.26 -4.75
C HIS A 202 3.94 17.89 -3.88
N HIS A 203 2.71 17.40 -4.03
CA HIS A 203 1.60 17.83 -3.19
C HIS A 203 1.89 17.62 -1.70
N GLY A 204 1.62 18.64 -0.88
CA GLY A 204 1.62 18.45 0.56
C GLY A 204 0.38 17.72 1.07
N ASN A 205 0.24 16.43 0.74
CA ASN A 205 -0.98 15.71 1.06
C ASN A 205 -1.20 15.59 2.57
N GLY A 206 -0.15 15.30 3.32
CA GLY A 206 -0.30 15.25 4.77
C GLY A 206 -0.86 16.53 5.35
N THR A 207 -0.28 17.68 4.98
CA THR A 207 -0.75 18.94 5.52
C THR A 207 -2.20 19.19 5.16
N GLN A 208 -2.55 18.93 3.90
CA GLN A 208 -3.93 19.09 3.44
C GLN A 208 -4.87 18.26 4.30
N ALA A 209 -4.52 16.98 4.49
CA ALA A 209 -5.41 16.09 5.23
C ALA A 209 -5.57 16.56 6.68
N ILE A 210 -4.48 16.99 7.30
CA ILE A 210 -4.48 17.34 8.72
C ILE A 210 -5.45 18.49 9.02
N PHE A 211 -5.53 19.48 8.12
CA PHE A 211 -6.34 20.65 8.40
C PHE A 211 -7.59 20.72 7.50
N TYR A 212 -7.94 19.61 6.85
CA TYR A 212 -8.84 19.65 5.70
C TYR A 212 -10.23 20.15 6.07
N ASP A 213 -10.67 19.94 7.31
CA ASP A 213 -11.97 20.36 7.77
C ASP A 213 -11.91 21.59 8.67
N ARG A 214 -10.85 22.39 8.57
CA ARG A 214 -10.68 23.52 9.44
C ARG A 214 -10.56 24.79 8.61
N SER A 215 -11.14 25.87 9.11
CA SER A 215 -11.01 27.18 8.48
C SER A 215 -9.92 28.04 9.11
N ASP A 216 -9.36 27.63 10.27
CA ASP A 216 -8.36 28.44 10.93
C ASP A 216 -6.95 28.21 10.38
N VAL A 217 -6.74 27.18 9.57
CA VAL A 217 -5.46 26.92 8.93
C VAL A 217 -5.71 26.77 7.44
N LEU A 218 -5.18 27.70 6.65
CA LEU A 218 -5.30 27.66 5.21
C LEU A 218 -4.11 26.90 4.65
N THR A 219 -4.39 25.89 3.82
CA THR A 219 -3.34 25.03 3.26
C THR A 219 -3.35 25.19 1.75
N ILE A 220 -2.20 25.57 1.19
CA ILE A 220 -2.03 25.74 -0.24
C ILE A 220 -0.80 24.96 -0.70
N SER A 221 -0.90 24.28 -1.84
CA SER A 221 0.23 23.56 -2.43
C SER A 221 0.28 23.80 -3.94
N LEU A 222 1.48 24.10 -4.45
CA LEU A 222 1.76 24.02 -5.88
C LEU A 222 2.55 22.75 -6.13
N HIS A 223 2.21 22.02 -7.18
CA HIS A 223 2.87 20.72 -7.35
C HIS A 223 2.58 20.14 -8.73
N GLY A 224 3.40 19.17 -9.11
CA GLY A 224 3.15 18.43 -10.34
C GLY A 224 1.88 17.60 -10.24
N ASP A 225 1.24 17.43 -11.39
CA ASP A 225 -0.02 16.74 -11.56
C ASP A 225 0.02 15.37 -10.90
N PRO A 226 -0.80 15.12 -9.88
CA PRO A 226 -0.78 13.79 -9.23
C PRO A 226 -1.27 12.67 -10.13
N ASP A 227 -1.96 12.97 -11.23
CA ASP A 227 -2.18 11.95 -12.24
C ASP A 227 -0.87 11.37 -12.72
N LEU A 228 0.20 12.17 -12.71
CA LEU A 228 1.49 11.75 -13.22
C LEU A 228 2.46 11.32 -12.13
N VAL A 229 2.39 11.90 -10.94
CA VAL A 229 3.46 11.74 -9.95
C VAL A 229 2.87 11.62 -8.56
N PHE A 230 3.70 11.09 -7.65
CA PHE A 230 3.39 11.01 -6.24
C PHE A 230 2.85 12.36 -5.75
N PRO A 231 1.80 12.38 -4.91
CA PRO A 231 1.21 11.22 -4.24
C PRO A 231 0.03 10.52 -4.97
N HIS A 232 -0.22 10.88 -6.23
CA HIS A 232 -1.18 10.20 -7.10
C HIS A 232 -2.65 10.25 -6.66
N PHE A 233 -2.94 10.11 -5.36
CA PHE A 233 -4.32 9.92 -4.91
C PHE A 233 -4.83 11.08 -4.06
N LEU A 234 -4.09 12.18 -3.99
CA LEU A 234 -4.59 13.44 -3.47
C LEU A 234 -3.81 14.53 -4.18
N GLY A 235 -4.29 15.76 -4.08
CA GLY A 235 -3.62 16.88 -4.70
C GLY A 235 -4.31 17.42 -5.93
N PHE A 236 -5.50 16.94 -6.27
CA PHE A 236 -6.22 17.43 -7.43
C PHE A 236 -6.93 18.74 -7.08
N GLU A 237 -7.19 19.56 -8.11
CA GLU A 237 -7.66 20.92 -7.88
C GLU A 237 -9.08 20.96 -7.34
N ASP A 238 -9.85 19.87 -7.47
CA ASP A 238 -11.20 19.84 -6.92
C ASP A 238 -11.25 19.51 -5.44
N GLU A 239 -10.10 19.33 -4.78
CA GLU A 239 -10.06 19.12 -3.34
C GLU A 239 -10.00 20.49 -2.67
N THR A 240 -11.15 21.01 -2.25
CA THR A 240 -11.21 22.39 -1.75
C THR A 240 -11.47 22.44 -0.25
N GLY A 241 -11.41 21.30 0.43
CA GLY A 241 -11.71 21.21 1.86
C GLY A 241 -13.07 20.57 2.07
N GLU A 242 -13.40 20.38 3.35
CA GLU A 242 -14.71 19.84 3.70
C GLU A 242 -15.23 20.50 4.97
N GLY A 243 -16.56 20.53 5.10
CA GLY A 243 -17.18 21.09 6.29
C GLY A 243 -16.82 22.55 6.45
N ASP A 244 -16.38 22.90 7.68
CA ASP A 244 -15.89 24.25 7.93
C ASP A 244 -14.68 24.59 7.07
N GLY A 245 -13.95 23.58 6.61
CA GLY A 245 -12.77 23.79 5.79
C GLY A 245 -13.03 24.07 4.33
N GLU A 246 -14.28 23.98 3.90
CA GLU A 246 -14.62 24.25 2.49
C GLU A 246 -14.13 25.63 2.10
N ALA A 247 -13.34 25.67 1.02
CA ALA A 247 -12.63 26.84 0.46
C ALA A 247 -11.39 27.22 1.26
N TYR A 248 -10.90 26.35 2.15
CA TYR A 248 -9.67 26.65 2.89
C TYR A 248 -8.55 25.67 2.56
N ASN A 249 -8.69 24.93 1.47
CA ASN A 249 -7.62 24.18 0.85
C ASN A 249 -7.56 24.54 -0.63
N LEU A 250 -6.36 24.76 -1.14
CA LEU A 250 -6.18 25.12 -2.55
C LEU A 250 -5.01 24.36 -3.13
N ASN A 251 -5.28 23.53 -4.13
CA ASN A 251 -4.25 22.82 -4.86
C ASN A 251 -4.07 23.45 -6.24
N ILE A 252 -2.81 23.65 -6.65
CA ILE A 252 -2.47 24.32 -7.89
C ILE A 252 -1.53 23.39 -8.64
N VAL A 253 -1.98 22.86 -9.77
CA VAL A 253 -1.39 21.69 -10.42
C VAL A 253 -0.73 22.12 -11.71
N PHE A 254 0.41 21.52 -12.05
CA PHE A 254 1.17 21.85 -13.24
C PHE A 254 1.61 20.62 -14.01
N PRO A 255 1.76 20.75 -15.33
CA PRO A 255 2.15 19.59 -16.18
C PRO A 255 3.66 19.54 -16.40
N PRO A 256 4.16 18.57 -17.17
CA PRO A 256 5.60 18.56 -17.47
C PRO A 256 6.04 19.81 -18.23
N ASP A 257 7.33 20.14 -18.07
CA ASP A 257 8.00 21.25 -18.77
C ASP A 257 7.45 22.62 -18.37
N THR A 258 6.94 22.75 -17.15
CA THR A 258 6.40 24.04 -16.68
C THR A 258 7.52 25.02 -16.35
N PRO A 259 7.57 26.20 -16.98
CA PRO A 259 8.62 27.17 -16.67
C PRO A 259 8.24 28.04 -15.47
N PHE A 260 9.24 28.75 -14.94
CA PHE A 260 8.98 29.67 -13.83
C PHE A 260 7.90 30.68 -14.17
N SER A 261 7.79 31.10 -15.43
CA SER A 261 6.78 32.09 -15.77
C SER A 261 5.38 31.59 -15.47
N ILE A 262 5.12 30.31 -15.70
CA ILE A 262 3.79 29.76 -15.43
C ILE A 262 3.64 29.33 -13.97
N TRP A 263 4.68 28.70 -13.41
CA TRP A 263 4.66 28.35 -11.99
C TRP A 263 4.43 29.59 -11.12
N SER A 264 5.02 30.74 -11.50
N SER A 264 5.02 30.74 -11.50
CA SER A 264 4.83 31.96 -10.72
CA SER A 264 4.83 31.96 -10.73
C SER A 264 3.41 32.52 -10.83
C SER A 264 3.39 32.46 -10.81
N GLN A 265 2.69 32.19 -11.91
CA GLN A 265 1.28 32.59 -11.99
C GLN A 265 0.47 31.86 -10.93
N GLY A 266 0.79 30.60 -10.67
CA GLY A 266 0.15 29.90 -9.57
C GLY A 266 0.61 30.43 -8.23
N LEU A 267 1.89 30.79 -8.13
CA LEU A 267 2.39 31.40 -6.90
C LEU A 267 1.67 32.72 -6.60
N GLU A 268 1.39 33.52 -7.64
CA GLU A 268 0.60 34.74 -7.46
C GLU A 268 -0.80 34.42 -6.97
N LYS A 269 -1.44 33.38 -7.54
CA LYS A 269 -2.75 32.95 -7.06
C LYS A 269 -2.70 32.55 -5.60
N ALA A 270 -1.73 31.69 -5.24
CA ALA A 270 -1.57 31.29 -3.84
C ALA A 270 -1.39 32.51 -2.93
N CYS A 271 -0.54 33.45 -3.34
CA CYS A 271 -0.28 34.64 -2.53
C CYS A 271 -1.54 35.50 -2.40
N GLU A 272 -2.31 35.63 -3.46
CA GLU A 272 -3.59 36.33 -3.36
C GLU A 272 -4.53 35.63 -2.37
N ARG A 273 -4.58 34.29 -2.42
CA ARG A 273 -5.43 33.57 -1.47
C ARG A 273 -4.95 33.79 -0.03
N ILE A 274 -3.64 33.87 0.17
CA ILE A 274 -3.10 34.18 1.49
C ILE A 274 -3.47 35.60 1.91
N ARG A 275 -3.40 36.55 0.96
CA ARG A 275 -3.68 37.95 1.28
C ARG A 275 -5.12 38.14 1.78
N THR A 276 -6.09 37.54 1.09
CA THR A 276 -7.49 37.71 1.51
C THR A 276 -7.82 36.87 2.74
N PHE A 277 -7.07 35.78 2.97
CA PHE A 277 -7.23 35.02 4.20
C PHE A 277 -6.73 35.80 5.40
N ALA A 278 -5.68 36.60 5.20
CA ALA A 278 -5.09 37.50 6.20
C ALA A 278 -4.63 36.72 7.42
N PRO A 279 -3.69 35.78 7.27
CA PRO A 279 -3.24 34.99 8.42
C PRO A 279 -2.39 35.83 9.35
N ASP A 280 -2.23 35.32 10.58
CA ASP A 280 -1.34 35.92 11.56
C ASP A 280 0.07 35.34 11.49
N ALA A 281 0.26 34.25 10.76
CA ALA A 281 1.58 33.66 10.59
C ALA A 281 1.56 32.80 9.34
N LEU A 282 2.74 32.60 8.77
CA LEU A 282 2.88 31.82 7.55
C LEU A 282 3.94 30.74 7.74
N VAL A 283 3.63 29.52 7.34
CA VAL A 283 4.61 28.43 7.30
C VAL A 283 4.77 28.03 5.85
N VAL A 284 6.01 28.01 5.37
CA VAL A 284 6.32 27.67 3.98
C VAL A 284 7.03 26.33 3.98
N ALA A 285 6.38 25.33 3.39
CA ALA A 285 6.95 24.00 3.20
C ALA A 285 7.81 24.06 1.94
N LEU A 286 9.11 24.28 2.11
CA LEU A 286 10.02 24.59 1.01
C LEU A 286 10.71 23.31 0.54
N GLY A 287 10.35 22.86 -0.66
CA GLY A 287 11.16 21.92 -1.40
C GLY A 287 11.85 22.65 -2.55
N VAL A 288 13.07 22.26 -2.86
CA VAL A 288 13.75 22.79 -4.03
C VAL A 288 13.82 21.75 -5.15
N ASP A 289 12.99 20.72 -5.08
CA ASP A 289 12.94 19.74 -6.17
C ASP A 289 12.13 20.24 -7.37
N THR A 290 11.71 21.51 -7.36
CA THR A 290 11.20 22.19 -8.54
C THR A 290 12.33 22.57 -9.50
N PHE A 291 13.57 22.44 -9.06
CA PHE A 291 14.76 22.81 -9.82
C PHE A 291 14.83 22.04 -11.14
N GLU A 292 15.14 22.75 -12.22
CA GLU A 292 15.22 22.11 -13.54
C GLU A 292 16.22 20.94 -13.55
N GLU A 293 17.23 20.97 -12.68
CA GLU A 293 18.18 19.87 -12.64
C GLU A 293 17.86 18.81 -11.59
N ASP A 294 16.76 18.94 -10.86
CA ASP A 294 16.40 17.86 -9.93
C ASP A 294 15.96 16.63 -10.71
N PRO A 295 16.50 15.45 -10.41
CA PRO A 295 16.13 14.26 -11.19
C PRO A 295 14.66 13.89 -11.14
N ILE A 296 13.89 14.29 -10.11
CA ILE A 296 12.46 13.93 -10.12
C ILE A 296 11.57 15.07 -10.60
N SER A 297 12.14 16.21 -10.94
CA SER A 297 11.34 17.37 -11.30
C SER A 297 10.94 17.28 -12.76
N PHE A 298 9.77 17.83 -13.09
CA PHE A 298 9.58 18.26 -14.48
C PHE A 298 9.14 19.71 -14.53
N PHE A 299 9.63 20.53 -13.60
CA PHE A 299 9.60 21.98 -13.69
C PHE A 299 10.97 22.51 -14.09
N LYS A 300 11.00 23.74 -14.58
CA LYS A 300 12.22 24.31 -15.16
C LYS A 300 12.73 25.51 -14.38
N LEU A 301 12.51 25.54 -13.07
CA LEU A 301 13.07 26.63 -12.27
C LEU A 301 14.60 26.62 -12.37
N THR A 302 15.18 27.81 -12.41
CA THR A 302 16.61 27.98 -12.33
C THR A 302 17.00 28.45 -10.93
N SER A 303 18.30 28.41 -10.64
CA SER A 303 18.78 28.87 -9.33
C SER A 303 18.38 30.31 -9.03
N GLY A 304 18.38 31.17 -10.05
CA GLY A 304 17.97 32.55 -9.84
C GLY A 304 16.50 32.69 -9.50
N ASP A 305 15.67 31.78 -10.00
CA ASP A 305 14.25 31.84 -9.69
C ASP A 305 13.98 31.68 -8.19
N TYR A 306 14.87 30.99 -7.46
CA TYR A 306 14.67 30.84 -6.02
C TYR A 306 14.85 32.16 -5.29
N LEU A 307 15.75 33.03 -5.76
CA LEU A 307 15.82 34.38 -5.22
C LEU A 307 14.51 35.14 -5.43
N LYS A 308 13.92 35.00 -6.61
CA LYS A 308 12.66 35.67 -6.88
C LYS A 308 11.52 35.10 -6.03
N LEU A 309 11.56 33.79 -5.76
CA LEU A 309 10.55 33.20 -4.90
C LEU A 309 10.64 33.77 -3.48
N GLY A 310 11.85 33.89 -2.94
CA GLY A 310 12.00 34.40 -1.60
C GLY A 310 11.54 35.84 -1.47
N LYS A 311 11.90 36.67 -2.45
CA LYS A 311 11.45 38.06 -2.46
C LYS A 311 9.93 38.13 -2.47
N ARG A 312 9.28 37.33 -3.32
CA ARG A 312 7.82 37.35 -3.38
C ARG A 312 7.20 36.89 -2.07
N LEU A 313 7.81 35.92 -1.40
CA LEU A 313 7.25 35.46 -0.13
C LEU A 313 7.37 36.55 0.95
N GLU A 314 8.49 37.26 0.97
CA GLU A 314 8.65 38.36 1.92
C GLU A 314 7.57 39.41 1.70
N GLN A 315 7.18 39.64 0.45
CA GLN A 315 6.21 40.72 0.20
C GLN A 315 4.85 40.46 0.84
N LEU A 316 4.58 39.21 1.25
CA LEU A 316 3.38 38.92 2.01
C LEU A 316 3.36 39.63 3.37
N GLY A 317 4.52 40.05 3.87
CA GLY A 317 4.58 40.79 5.13
C GLY A 317 4.17 39.99 6.36
N LEU A 318 4.50 38.70 6.39
CA LEU A 318 4.05 37.85 7.47
C LEU A 318 5.20 37.28 8.29
N PRO A 319 4.97 37.00 9.59
CA PRO A 319 5.90 36.14 10.33
C PRO A 319 5.94 34.77 9.68
N THR A 320 7.14 34.31 9.32
CA THR A 320 7.27 33.20 8.37
C THR A 320 8.28 32.17 8.85
N VAL A 321 7.84 30.92 8.96
CA VAL A 321 8.73 29.79 9.21
C VAL A 321 8.86 29.00 7.91
N PHE A 322 10.10 28.72 7.51
CA PHE A 322 10.42 27.82 6.41
C PHE A 322 10.80 26.45 6.98
N THR A 323 10.09 25.40 6.57
CA THR A 323 10.50 24.03 6.89
C THR A 323 11.07 23.37 5.63
N MET A 324 12.21 22.72 5.76
CA MET A 324 12.86 22.17 4.59
C MET A 324 12.22 20.83 4.23
N GLU A 325 11.80 20.71 2.97
CA GLU A 325 11.13 19.51 2.52
C GLU A 325 12.06 18.82 1.53
N GLY A 326 11.66 18.69 0.26
CA GLY A 326 12.38 17.86 -0.68
C GLY A 326 13.45 18.62 -1.45
N GLY A 327 14.00 17.93 -2.44
CA GLY A 327 15.12 18.46 -3.20
C GLY A 327 16.32 17.52 -3.15
N TYR A 328 16.68 16.95 -4.30
CA TYR A 328 17.83 16.07 -4.39
C TYR A 328 19.14 16.86 -4.26
N ASP A 329 20.16 16.23 -3.66
CA ASP A 329 21.41 16.95 -3.42
C ASP A 329 22.34 16.91 -4.64
N VAL A 330 21.81 17.39 -5.77
CA VAL A 330 22.68 17.82 -6.86
C VAL A 330 23.49 18.99 -6.31
N ASP A 331 24.51 19.42 -7.04
CA ASP A 331 25.47 20.37 -6.47
C ASP A 331 24.80 21.64 -5.98
N ALA A 332 23.73 22.09 -6.64
CA ALA A 332 23.11 23.37 -6.35
C ALA A 332 22.03 23.30 -5.28
N ILE A 333 21.89 22.17 -4.56
CA ILE A 333 20.79 22.06 -3.60
C ILE A 333 20.86 23.16 -2.55
N GLY A 334 22.05 23.44 -2.03
CA GLY A 334 22.20 24.46 -1.01
C GLY A 334 22.08 25.86 -1.58
N VAL A 335 22.69 26.09 -2.74
CA VAL A 335 22.51 27.37 -3.44
C VAL A 335 21.01 27.67 -3.55
N ASN A 336 20.22 26.68 -3.95
CA ASN A 336 18.82 26.96 -4.26
C ASN A 336 18.01 27.23 -3.00
N ALA A 337 18.19 26.39 -1.96
CA ALA A 337 17.43 26.58 -0.73
C ALA A 337 17.80 27.89 -0.06
N VAL A 338 19.10 28.18 0.01
CA VAL A 338 19.55 29.40 0.66
C VAL A 338 19.20 30.62 -0.20
N ASN A 339 19.14 30.45 -1.54
CA ASN A 339 18.65 31.53 -2.40
C ASN A 339 17.26 31.98 -1.98
N VAL A 340 16.40 31.05 -1.56
CA VAL A 340 15.08 31.46 -1.09
C VAL A 340 15.22 32.40 0.11
N MET A 341 16.10 32.05 1.06
CA MET A 341 16.24 32.85 2.28
C MET A 341 16.86 34.21 1.97
N GLN A 342 17.86 34.24 1.08
CA GLN A 342 18.52 35.49 0.74
C GLN A 342 17.58 36.43 -0.02
N GLY A 343 16.79 35.87 -0.95
CA GLY A 343 15.76 36.67 -1.62
C GLY A 343 14.74 37.22 -0.63
N PHE A 344 14.34 36.41 0.35
CA PHE A 344 13.45 36.90 1.40
C PHE A 344 14.10 38.03 2.18
N GLU A 345 15.41 37.95 2.39
CA GLU A 345 16.17 38.96 3.12
C GLU A 345 16.63 40.13 2.24
N GLY A 346 16.22 40.19 0.98
CA GLY A 346 16.49 41.35 0.16
C GLY A 346 17.66 41.24 -0.78
N LYS A 347 18.17 40.04 -1.03
CA LYS A 347 19.25 39.84 -2.01
C LYS A 347 18.68 39.71 -3.42
N GLY B 4 -12.83 -44.74 -6.49
CA GLY B 4 -13.49 -43.71 -7.26
C GLY B 4 -12.49 -42.77 -7.91
N SER B 5 -12.79 -42.31 -9.13
CA SER B 5 -11.89 -41.48 -9.90
C SER B 5 -12.41 -40.05 -10.00
N MET B 6 -11.47 -39.12 -10.21
CA MET B 6 -11.77 -37.70 -10.33
C MET B 6 -10.82 -37.12 -11.38
N LYS B 7 -11.35 -36.28 -12.25
CA LYS B 7 -10.53 -35.64 -13.27
C LYS B 7 -9.87 -34.37 -12.74
N THR B 8 -8.68 -34.09 -13.26
CA THR B 8 -7.90 -32.91 -12.95
C THR B 8 -7.69 -32.09 -14.21
N VAL B 9 -7.93 -30.79 -14.12
CA VAL B 9 -7.59 -29.86 -15.19
C VAL B 9 -6.28 -29.19 -14.81
N PHE B 10 -5.31 -29.20 -15.74
CA PHE B 10 -3.99 -28.62 -15.53
C PHE B 10 -3.55 -27.94 -16.83
N SER B 11 -3.03 -26.73 -16.73
CA SER B 11 -2.49 -26.05 -17.90
C SER B 11 -0.98 -25.89 -17.77
N PRO B 12 -0.21 -26.26 -18.79
CA PRO B 12 1.23 -26.01 -18.75
C PRO B 12 1.56 -24.53 -18.84
N LEU B 13 0.60 -23.69 -19.22
N LEU B 13 0.60 -23.69 -19.22
CA LEU B 13 0.84 -22.26 -19.33
CA LEU B 13 0.84 -22.25 -19.34
C LEU B 13 1.08 -21.59 -17.97
C LEU B 13 1.10 -21.60 -17.98
N HIS B 14 0.85 -22.31 -16.86
CA HIS B 14 1.17 -21.75 -15.55
C HIS B 14 2.64 -21.36 -15.45
N SER B 15 3.51 -22.07 -16.20
N SER B 15 3.51 -22.07 -16.19
CA SER B 15 4.94 -21.84 -16.19
CA SER B 15 4.94 -21.80 -16.12
C SER B 15 5.33 -20.49 -16.77
C SER B 15 5.31 -20.44 -16.71
N ARG B 16 4.41 -19.82 -17.47
CA ARG B 16 4.69 -18.49 -18.00
C ARG B 16 4.74 -17.44 -16.89
N ARG B 17 4.15 -17.70 -15.72
CA ARG B 17 4.40 -16.88 -14.54
C ARG B 17 5.55 -17.52 -13.77
N HIS B 18 6.73 -16.92 -13.89
CA HIS B 18 7.93 -17.41 -13.22
C HIS B 18 8.75 -16.19 -12.78
N VAL B 19 8.25 -15.48 -11.75
CA VAL B 19 8.91 -14.26 -11.31
C VAL B 19 10.14 -14.58 -10.46
N LYS B 20 11.08 -13.64 -10.42
CA LYS B 20 12.32 -13.86 -9.69
C LYS B 20 12.36 -13.20 -8.32
N THR B 21 11.53 -12.19 -8.06
CA THR B 21 11.62 -11.46 -6.79
C THR B 21 10.30 -11.45 -6.04
N GLU B 22 10.41 -11.49 -4.71
CA GLU B 22 9.28 -11.30 -3.80
C GLU B 22 9.73 -10.45 -2.62
N LEU B 23 9.05 -9.32 -2.40
CA LEU B 23 9.33 -8.49 -1.23
C LEU B 23 8.96 -9.24 0.04
N ASP B 24 9.93 -9.44 0.93
CA ASP B 24 9.73 -10.24 2.13
C ASP B 24 10.66 -9.71 3.22
N GLY B 25 10.09 -9.28 4.34
CA GLY B 25 10.89 -8.80 5.46
C GLY B 25 11.91 -7.75 5.08
N GLY B 26 11.55 -6.88 4.14
CA GLY B 26 12.42 -5.80 3.71
C GLY B 26 13.48 -6.17 2.69
N LEU B 27 13.45 -7.38 2.16
CA LEU B 27 14.42 -7.86 1.17
C LEU B 27 13.67 -8.44 -0.01
N LEU B 28 14.35 -8.57 -1.14
CA LEU B 28 13.81 -9.24 -2.31
C LEU B 28 14.32 -10.68 -2.33
N ILE B 29 13.42 -11.66 -2.14
CA ILE B 29 13.77 -13.07 -1.99
C ILE B 29 13.19 -13.93 -3.10
N GLU B 30 13.53 -15.22 -3.11
CA GLU B 30 12.92 -16.15 -4.06
C GLU B 30 11.45 -16.31 -3.73
N PRO B 31 10.55 -16.24 -4.72
CA PRO B 31 9.12 -16.25 -4.41
C PRO B 31 8.63 -17.59 -3.86
N HIS B 32 7.67 -17.52 -2.92
CA HIS B 32 7.07 -18.72 -2.36
C HIS B 32 6.16 -19.44 -3.36
N GLU B 33 5.48 -18.69 -4.23
CA GLU B 33 4.46 -19.25 -5.12
C GLU B 33 5.11 -19.63 -6.45
N LYS B 34 5.86 -20.71 -6.39
CA LYS B 34 6.77 -21.00 -7.49
C LYS B 34 6.24 -22.13 -8.37
N PRO B 35 6.71 -22.24 -9.62
CA PRO B 35 6.16 -23.23 -10.54
C PRO B 35 6.23 -24.67 -10.06
N SER B 36 7.28 -25.05 -9.31
CA SER B 36 7.38 -26.42 -8.83
C SER B 36 6.18 -26.84 -7.99
N ARG B 37 5.43 -25.89 -7.44
CA ARG B 37 4.21 -26.24 -6.70
C ARG B 37 3.22 -26.98 -7.59
N ALA B 38 2.89 -26.40 -8.75
CA ALA B 38 1.94 -27.02 -9.65
C ALA B 38 2.48 -28.33 -10.22
N GLU B 39 3.79 -28.39 -10.47
CA GLU B 39 4.37 -29.60 -11.06
C GLU B 39 4.40 -30.74 -10.06
N THR B 40 4.56 -30.43 -8.77
CA THR B 40 4.61 -31.49 -7.77
C THR B 40 3.23 -32.08 -7.53
N ILE B 41 2.20 -31.24 -7.50
CA ILE B 41 0.83 -31.77 -7.39
C ILE B 41 0.49 -32.62 -8.60
N LEU B 42 0.79 -32.10 -9.80
CA LEU B 42 0.47 -32.84 -11.02
C LEU B 42 1.18 -34.19 -11.04
N ALA B 43 2.44 -34.24 -10.60
CA ALA B 43 3.15 -35.51 -10.58
C ALA B 43 2.47 -36.51 -9.65
N ARG B 44 2.04 -36.08 -8.47
CA ARG B 44 1.36 -36.99 -7.54
C ARG B 44 0.01 -37.43 -8.11
N VAL B 45 -0.69 -36.54 -8.82
CA VAL B 45 -1.94 -36.93 -9.48
C VAL B 45 -1.69 -38.09 -10.44
N LYS B 46 -0.63 -37.99 -11.25
CA LYS B 46 -0.29 -39.09 -12.15
C LYS B 46 0.13 -40.33 -11.36
N ASP B 47 1.02 -40.14 -10.38
CA ASP B 47 1.56 -41.27 -9.63
C ASP B 47 0.45 -42.05 -8.95
N GLN B 48 -0.57 -41.37 -8.45
CA GLN B 48 -1.67 -42.04 -7.77
C GLN B 48 -2.80 -42.45 -8.71
N ALA B 49 -2.68 -42.15 -10.00
CA ALA B 49 -3.72 -42.47 -10.98
C ALA B 49 -5.09 -42.01 -10.47
N LEU B 50 -5.12 -40.77 -9.96
CA LEU B 50 -6.36 -40.18 -9.49
C LEU B 50 -7.45 -40.24 -10.56
N GLY B 51 -7.11 -39.90 -11.79
CA GLY B 51 -8.06 -39.91 -12.89
C GLY B 51 -7.48 -39.23 -14.11
N GLU B 52 -8.37 -38.92 -15.06
CA GLU B 52 -7.94 -38.28 -16.29
C GLU B 52 -7.40 -36.88 -16.01
N ILE B 53 -6.32 -36.52 -16.70
CA ILE B 53 -5.77 -35.17 -16.69
C ILE B 53 -6.08 -34.53 -18.04
N LEU B 54 -6.61 -33.33 -18.03
CA LEU B 54 -6.90 -32.64 -19.27
C LEU B 54 -6.42 -31.19 -19.19
N GLU B 55 -6.12 -30.63 -20.38
CA GLU B 55 -5.82 -29.21 -20.52
C GLU B 55 -7.12 -28.41 -20.51
N PRO B 56 -7.06 -27.14 -20.11
CA PRO B 56 -8.29 -26.34 -20.08
C PRO B 56 -8.76 -25.99 -21.49
N GLU B 57 -10.05 -25.74 -21.59
CA GLU B 57 -10.63 -25.09 -22.76
C GLU B 57 -10.54 -23.57 -22.57
N GLU B 58 -10.48 -22.84 -23.68
CA GLU B 58 -10.38 -21.38 -23.62
C GLU B 58 -11.78 -20.79 -23.61
N PHE B 59 -12.15 -20.12 -22.52
CA PHE B 59 -13.46 -19.52 -22.40
C PHE B 59 -13.46 -18.02 -22.71
N GLY B 60 -12.31 -17.41 -22.92
CA GLY B 60 -12.26 -15.97 -23.12
C GLY B 60 -12.46 -15.23 -21.80
N LEU B 61 -12.44 -13.90 -21.91
CA LEU B 61 -12.52 -13.05 -20.74
C LEU B 61 -13.95 -12.80 -20.26
N GLY B 62 -14.95 -13.27 -21.00
CA GLY B 62 -16.34 -13.11 -20.61
C GLY B 62 -16.66 -13.59 -19.21
N PRO B 63 -16.42 -14.88 -18.93
CA PRO B 63 -16.66 -15.37 -17.56
C PRO B 63 -15.81 -14.68 -16.50
N VAL B 64 -14.59 -14.27 -16.84
CA VAL B 64 -13.74 -13.52 -15.92
C VAL B 64 -14.39 -12.19 -15.55
N LYS B 65 -14.92 -11.48 -16.55
CA LYS B 65 -15.49 -10.14 -16.33
C LYS B 65 -16.87 -10.21 -15.70
N ARG B 66 -17.41 -11.41 -15.48
CA ARG B 66 -18.57 -11.55 -14.61
C ARG B 66 -18.22 -11.32 -13.14
N VAL B 67 -16.94 -11.30 -12.81
CA VAL B 67 -16.49 -11.13 -11.43
C VAL B 67 -15.55 -9.95 -11.33
N HIS B 68 -14.66 -9.79 -12.30
CA HIS B 68 -13.67 -8.73 -12.27
C HIS B 68 -14.07 -7.55 -13.17
N THR B 69 -13.68 -6.34 -12.76
CA THR B 69 -14.06 -5.17 -13.54
C THR B 69 -13.26 -5.09 -14.83
N ALA B 70 -13.87 -4.44 -15.84
CA ALA B 70 -13.23 -4.28 -17.14
C ALA B 70 -11.88 -3.57 -17.04
N ASP B 71 -11.83 -2.51 -16.22
CA ASP B 71 -10.60 -1.74 -16.03
C ASP B 71 -9.50 -2.60 -15.43
N TYR B 72 -9.85 -3.39 -14.43
CA TYR B 72 -8.87 -4.28 -13.80
C TYR B 72 -8.32 -5.29 -14.81
N VAL B 73 -9.19 -5.91 -15.60
CA VAL B 73 -8.74 -6.91 -16.55
C VAL B 73 -7.81 -6.25 -17.59
N SER B 74 -8.22 -5.10 -18.12
CA SER B 74 -7.35 -4.36 -19.03
C SER B 74 -6.00 -4.07 -18.40
N PHE B 75 -5.98 -3.68 -17.12
CA PHE B 75 -4.73 -3.29 -16.47
C PHE B 75 -3.77 -4.48 -16.39
N LEU B 76 -4.27 -5.64 -15.95
CA LEU B 76 -3.42 -6.82 -15.86
C LEU B 76 -2.83 -7.20 -17.21
N GLU B 77 -3.53 -6.89 -18.31
CA GLU B 77 -3.00 -7.24 -19.62
C GLU B 77 -1.83 -6.34 -20.01
N THR B 78 -1.89 -5.06 -19.65
CA THR B 78 -0.92 -4.07 -20.14
C THR B 78 0.12 -3.67 -19.09
N CYS B 79 -0.01 -4.13 -17.85
CA CYS B 79 0.78 -3.59 -16.75
C CYS B 79 2.27 -3.77 -17.00
N TRP B 80 2.70 -4.98 -17.37
CA TRP B 80 4.13 -5.21 -17.58
C TRP B 80 4.68 -4.35 -18.71
N ASP B 81 3.99 -4.32 -19.85
CA ASP B 81 4.44 -3.48 -20.95
C ASP B 81 4.57 -2.03 -20.50
N GLU B 82 3.55 -1.49 -19.80
CA GLU B 82 3.63 -0.11 -19.32
C GLU B 82 4.78 0.07 -18.35
N TRP B 83 5.04 -0.91 -17.50
CA TRP B 83 6.13 -0.83 -16.52
C TRP B 83 7.49 -0.74 -17.22
N VAL B 84 7.76 -1.68 -18.14
CA VAL B 84 8.99 -1.63 -18.92
C VAL B 84 9.09 -0.32 -19.69
N ALA B 85 7.98 0.12 -20.29
CA ALA B 85 8.00 1.34 -21.09
C ALA B 85 8.36 2.55 -20.23
N ALA B 86 7.91 2.56 -18.98
CA ALA B 86 8.20 3.68 -18.10
C ALA B 86 9.63 3.63 -17.56
N GLY B 87 10.45 2.68 -18.00
CA GLY B 87 11.85 2.66 -17.64
C GLY B 87 12.19 1.95 -16.35
N LYS B 88 11.23 1.33 -15.67
CA LYS B 88 11.53 0.64 -14.43
C LYS B 88 12.39 -0.58 -14.71
N ARG B 89 13.33 -0.88 -13.81
CA ARG B 89 14.28 -1.95 -14.06
C ARG B 89 13.98 -3.24 -13.31
N GLY B 90 13.20 -3.20 -12.23
CA GLY B 90 12.81 -4.39 -11.53
C GLY B 90 11.59 -5.05 -12.14
N GLU B 91 11.09 -6.07 -11.44
CA GLU B 91 9.77 -6.58 -11.73
C GLU B 91 8.72 -5.57 -11.24
N ALA B 92 7.49 -5.69 -11.74
CA ALA B 92 6.45 -4.70 -11.45
C ALA B 92 5.93 -4.90 -10.02
N ILE B 93 6.24 -3.95 -9.13
CA ILE B 93 5.93 -4.00 -7.71
C ILE B 93 5.38 -2.64 -7.27
N PRO B 94 4.30 -2.58 -6.48
CA PRO B 94 3.77 -1.27 -6.05
C PRO B 94 4.70 -0.57 -5.08
N THR B 95 4.89 0.72 -5.30
CA THR B 95 5.61 1.56 -4.35
C THR B 95 4.69 2.45 -3.53
N PHE B 96 3.58 2.91 -4.13
CA PHE B 96 2.60 3.76 -3.47
C PHE B 96 1.21 3.17 -3.62
N TRP B 97 0.33 3.50 -2.68
CA TRP B 97 -1.05 3.04 -2.76
C TRP B 97 -1.97 4.12 -2.19
N VAL B 98 -3.28 3.83 -2.24
CA VAL B 98 -4.28 4.70 -1.63
C VAL B 98 -4.19 4.51 -0.12
N GLY B 99 -3.39 5.34 0.55
CA GLY B 99 -3.31 5.30 1.99
C GLY B 99 -4.58 5.81 2.63
N ARG B 100 -4.76 5.50 3.91
CA ARG B 100 -5.92 5.97 4.64
C ARG B 100 -5.96 7.49 4.64
N GLY B 101 -7.08 8.04 4.19
CA GLY B 101 -7.24 9.47 4.00
C GLY B 101 -7.13 9.92 2.56
N MET B 102 -6.69 9.05 1.66
CA MET B 102 -6.56 9.41 0.26
C MET B 102 -7.79 8.98 -0.53
N ARG B 103 -7.84 9.40 -1.80
CA ARG B 103 -9.00 9.15 -2.63
C ARG B 103 -8.83 7.87 -3.46
N ALA B 104 -9.89 7.08 -3.51
CA ALA B 104 -9.92 5.92 -4.40
C ALA B 104 -10.20 6.39 -5.82
N ARG B 105 -9.21 7.11 -6.37
CA ARG B 105 -9.31 7.69 -7.70
C ARG B 105 -8.20 7.11 -8.57
N LEU B 106 -8.57 6.63 -9.76
CA LEU B 106 -7.62 5.97 -10.65
C LEU B 106 -6.76 7.02 -11.34
N PRO B 107 -5.41 6.99 -11.18
CA PRO B 107 -4.56 8.00 -11.82
C PRO B 107 -4.06 7.52 -13.17
N LYS B 108 -3.22 8.29 -13.87
CA LYS B 108 -2.75 7.89 -15.19
C LYS B 108 -1.44 7.11 -15.13
N ASP B 109 -0.53 7.51 -14.24
CA ASP B 109 0.80 6.91 -14.21
C ASP B 109 0.76 5.43 -13.80
N ILE B 110 1.71 4.65 -14.32
CA ILE B 110 1.72 3.21 -14.08
C ILE B 110 1.89 2.91 -12.60
N ASP B 111 2.70 3.71 -11.89
CA ASP B 111 2.89 3.45 -10.46
C ASP B 111 1.60 3.67 -9.68
N GLY B 112 0.84 4.71 -10.04
CA GLY B 112 -0.43 4.94 -9.38
C GLY B 112 -1.49 3.89 -9.71
N ARG B 113 -1.56 3.46 -10.97
N ARG B 113 -1.52 3.47 -10.99
CA ARG B 113 -2.49 2.38 -11.27
CA ARG B 113 -2.36 2.37 -11.46
C ARG B 113 -2.12 1.12 -10.51
C ARG B 113 -1.71 1.02 -11.26
N LEU B 114 -0.82 0.89 -10.32
CA LEU B 114 -0.38 -0.37 -9.80
C LEU B 114 -0.70 -0.44 -8.32
N GLY B 115 -0.56 0.69 -7.62
CA GLY B 115 -1.03 0.77 -6.24
C GLY B 115 -2.54 0.78 -6.11
N TYR B 116 -3.23 1.50 -7.00
CA TYR B 116 -4.69 1.50 -6.97
C TYR B 116 -5.28 0.10 -7.03
N TYR B 117 -4.66 -0.80 -7.82
CA TYR B 117 -5.19 -2.13 -8.06
C TYR B 117 -4.57 -3.20 -7.17
N SER B 118 -3.87 -2.82 -6.10
CA SER B 118 -3.15 -3.83 -5.32
C SER B 118 -3.46 -3.70 -3.84
N LEU B 119 -3.19 -4.78 -3.10
CA LEU B 119 -3.26 -4.75 -1.65
C LEU B 119 -1.96 -5.21 -0.99
N GLY B 120 -0.93 -5.47 -1.78
CA GLY B 120 0.35 -5.90 -1.22
C GLY B 120 1.45 -5.75 -2.25
N ALA B 121 2.68 -5.76 -1.76
CA ALA B 121 3.85 -5.63 -2.61
C ALA B 121 4.60 -6.94 -2.77
N ASP B 122 4.04 -8.06 -2.31
CA ASP B 122 4.74 -9.33 -2.39
C ASP B 122 4.43 -10.11 -3.67
N THR B 123 3.67 -9.52 -4.59
CA THR B 123 3.12 -10.22 -5.74
C THR B 123 3.61 -9.53 -7.02
N SER B 124 4.89 -9.76 -7.33
CA SER B 124 5.50 -9.14 -8.50
C SER B 124 4.78 -9.55 -9.78
N ILE B 125 4.68 -8.62 -10.73
CA ILE B 125 4.12 -8.87 -12.05
C ILE B 125 5.24 -8.81 -13.07
N SER B 126 5.27 -9.76 -13.99
CA SER B 126 6.28 -9.73 -15.06
C SER B 126 5.70 -10.37 -16.32
N ASP B 127 6.55 -10.62 -17.31
CA ASP B 127 6.08 -11.18 -18.57
C ASP B 127 5.52 -12.57 -18.34
N GLY B 128 4.36 -12.83 -18.94
CA GLY B 128 3.69 -14.11 -18.80
C GLY B 128 2.66 -14.17 -17.68
N THR B 129 2.67 -13.18 -16.77
CA THR B 129 1.67 -13.18 -15.70
C THR B 129 0.25 -13.10 -16.26
N TRP B 130 0.02 -12.22 -17.24
CA TRP B 130 -1.31 -12.14 -17.87
C TRP B 130 -1.73 -13.50 -18.42
N GLU B 131 -0.83 -14.16 -19.15
CA GLU B 131 -1.19 -15.42 -19.79
C GLU B 131 -1.44 -16.52 -18.76
N ALA B 132 -0.61 -16.58 -17.71
CA ALA B 132 -0.82 -17.61 -16.70
C ALA B 132 -2.11 -17.37 -15.92
N ALA B 133 -2.43 -16.11 -15.61
CA ALA B 133 -3.67 -15.82 -14.90
C ALA B 133 -4.87 -16.21 -15.76
N ARG B 134 -4.82 -15.91 -17.06
CA ARG B 134 -5.88 -16.35 -17.96
C ARG B 134 -5.99 -17.87 -17.97
N ALA B 135 -4.86 -18.56 -18.11
CA ALA B 135 -4.91 -20.02 -18.19
C ALA B 135 -5.46 -20.63 -16.91
N SER B 136 -5.10 -20.06 -15.77
CA SER B 136 -5.56 -20.58 -14.49
C SER B 136 -7.06 -20.35 -14.30
N ALA B 137 -7.57 -19.21 -14.77
CA ALA B 137 -9.01 -19.02 -14.75
C ALA B 137 -9.71 -20.03 -15.65
N ASN B 138 -9.13 -20.32 -16.82
CA ASN B 138 -9.73 -21.30 -17.72
C ASN B 138 -9.69 -22.70 -17.12
N VAL B 139 -8.64 -23.00 -16.34
CA VAL B 139 -8.59 -24.25 -15.59
C VAL B 139 -9.80 -24.39 -14.66
N ALA B 140 -10.09 -23.35 -13.88
CA ALA B 140 -11.26 -23.41 -13.00
C ALA B 140 -12.54 -23.55 -13.81
N LEU B 141 -12.67 -22.81 -14.92
CA LEU B 141 -13.89 -22.87 -15.71
C LEU B 141 -14.07 -24.23 -16.39
N THR B 142 -12.96 -24.88 -16.80
CA THR B 142 -13.10 -26.23 -17.35
C THR B 142 -13.54 -27.22 -16.28
N ALA B 143 -12.97 -27.15 -15.08
CA ALA B 143 -13.43 -28.00 -13.99
C ALA B 143 -14.92 -27.82 -13.74
N GLN B 144 -15.39 -26.58 -13.74
CA GLN B 144 -16.81 -26.32 -13.50
C GLN B 144 -17.68 -26.88 -14.62
N LYS B 145 -17.21 -26.79 -15.87
CA LYS B 145 -17.96 -27.38 -16.98
C LYS B 145 -18.05 -28.90 -16.84
N LEU B 146 -16.94 -29.54 -16.46
CA LEU B 146 -16.93 -30.98 -16.22
C LEU B 146 -18.00 -31.37 -15.21
N VAL B 147 -18.09 -30.61 -14.12
CA VAL B 147 -19.05 -30.90 -13.06
C VAL B 147 -20.47 -30.61 -13.54
N ALA B 148 -20.68 -29.48 -14.23
CA ALA B 148 -22.00 -29.15 -14.73
C ALA B 148 -22.50 -30.16 -15.77
N GLU B 149 -21.57 -30.82 -16.49
CA GLU B 149 -21.95 -31.78 -17.51
C GLU B 149 -21.96 -33.23 -17.00
N GLY B 150 -21.81 -33.46 -15.70
CA GLY B 150 -22.01 -34.80 -15.18
C GLY B 150 -21.06 -35.29 -14.11
N GLU B 151 -19.86 -34.72 -14.02
CA GLU B 151 -18.90 -35.16 -13.00
C GLU B 151 -19.38 -34.74 -11.61
N ARG B 152 -19.25 -35.65 -10.64
CA ARG B 152 -19.57 -35.30 -9.26
C ARG B 152 -18.63 -34.21 -8.74
N ALA B 153 -17.36 -34.30 -9.11
CA ALA B 153 -16.36 -33.33 -8.69
C ALA B 153 -15.25 -33.28 -9.72
N ALA B 154 -14.49 -32.19 -9.70
CA ALA B 154 -13.30 -32.06 -10.53
C ALA B 154 -12.30 -31.18 -9.79
N PHE B 155 -11.01 -31.41 -10.08
CA PHE B 155 -9.90 -30.73 -9.44
C PHE B 155 -9.29 -29.74 -10.44
N ALA B 156 -9.39 -28.44 -10.13
CA ALA B 156 -8.80 -27.38 -10.94
C ALA B 156 -7.43 -27.09 -10.37
N LEU B 157 -6.39 -27.62 -10.99
CA LEU B 157 -5.02 -27.39 -10.50
C LEU B 157 -4.57 -26.00 -10.96
N CYS B 158 -5.14 -24.99 -10.30
CA CYS B 158 -4.85 -23.60 -10.64
C CYS B 158 -3.48 -23.17 -10.13
N ARG B 159 -2.75 -22.44 -10.98
CA ARG B 159 -1.58 -21.65 -10.60
C ARG B 159 -1.41 -20.56 -11.65
N PRO B 160 -1.44 -19.28 -11.27
CA PRO B 160 -1.53 -18.76 -9.88
C PRO B 160 -2.86 -19.03 -9.17
N PRO B 161 -2.85 -18.96 -7.82
CA PRO B 161 -4.10 -19.11 -7.05
C PRO B 161 -5.00 -17.89 -7.18
N GLY B 162 -6.14 -17.87 -6.50
CA GLY B 162 -7.11 -16.82 -6.76
C GLY B 162 -7.80 -16.14 -5.60
N HIS B 163 -7.90 -16.79 -4.43
CA HIS B 163 -8.91 -16.40 -3.44
C HIS B 163 -8.66 -15.05 -2.77
N HIS B 164 -7.47 -14.46 -2.91
CA HIS B 164 -7.20 -13.14 -2.37
C HIS B 164 -7.56 -11.99 -3.32
N ALA B 165 -7.91 -12.30 -4.57
CA ALA B 165 -8.17 -11.28 -5.58
C ALA B 165 -9.60 -10.80 -5.48
N HIS B 166 -9.77 -9.48 -5.29
CA HIS B 166 -11.06 -8.81 -5.31
C HIS B 166 -11.51 -8.58 -6.76
N ALA B 167 -12.68 -7.95 -6.94
CA ALA B 167 -13.13 -7.63 -8.30
C ALA B 167 -12.10 -6.80 -9.04
N ASP B 168 -11.38 -5.94 -8.35
CA ASP B 168 -10.42 -5.06 -9.02
C ASP B 168 -9.15 -4.87 -8.19
N VAL B 169 -8.74 -5.89 -7.43
CA VAL B 169 -7.55 -5.81 -6.59
C VAL B 169 -6.80 -7.13 -6.65
N PHE B 170 -5.50 -7.08 -6.99
CA PHE B 170 -4.68 -8.28 -6.96
C PHE B 170 -3.80 -8.25 -5.71
N GLY B 171 -3.34 -9.42 -5.31
CA GLY B 171 -2.47 -9.52 -4.16
C GLY B 171 -2.49 -10.91 -3.59
N GLY B 172 -1.61 -11.14 -2.63
CA GLY B 172 -1.49 -12.45 -2.02
C GLY B 172 -1.24 -13.54 -3.05
N TYR B 173 -0.46 -13.22 -4.08
CA TYR B 173 -0.09 -14.08 -5.20
C TYR B 173 -1.23 -14.34 -6.18
N CYS B 174 -2.38 -13.69 -6.00
CA CYS B 174 -3.56 -13.97 -6.81
C CYS B 174 -3.87 -12.82 -7.77
N PHE B 175 -4.46 -13.17 -8.91
CA PHE B 175 -4.83 -12.18 -9.91
C PHE B 175 -6.29 -12.26 -10.32
N PHE B 176 -6.74 -13.43 -10.75
CA PHE B 176 -8.15 -13.69 -11.04
C PHE B 176 -8.68 -14.64 -9.98
N ASN B 177 -9.85 -14.34 -9.43
CA ASN B 177 -10.38 -15.19 -8.37
C ASN B 177 -11.04 -16.42 -8.99
N ASN B 178 -10.24 -17.47 -9.16
CA ASN B 178 -10.66 -18.66 -9.88
C ASN B 178 -11.91 -19.29 -9.23
N ALA B 179 -11.96 -19.31 -7.90
CA ALA B 179 -13.11 -19.89 -7.21
C ALA B 179 -14.35 -19.04 -7.44
N ALA B 180 -14.21 -17.71 -7.34
CA ALA B 180 -15.32 -16.81 -7.57
C ALA B 180 -15.82 -16.93 -9.00
N ILE B 181 -14.88 -17.05 -9.94
CA ILE B 181 -15.26 -17.18 -11.35
C ILE B 181 -16.04 -18.47 -11.59
N ALA B 182 -15.57 -19.59 -11.01
CA ALA B 182 -16.31 -20.85 -11.14
C ALA B 182 -17.66 -20.77 -10.44
N ALA B 183 -17.70 -20.17 -9.24
CA ALA B 183 -18.97 -19.95 -8.55
C ALA B 183 -19.95 -19.18 -9.43
N GLN B 184 -19.51 -18.04 -10.00
CA GLN B 184 -20.38 -17.24 -10.87
C GLN B 184 -20.75 -18.01 -12.13
N ALA B 185 -19.86 -18.89 -12.61
CA ALA B 185 -20.21 -19.75 -13.74
C ALA B 185 -21.41 -20.65 -13.41
N PHE B 186 -21.40 -21.27 -12.22
CA PHE B 186 -22.57 -22.04 -11.79
C PHE B 186 -23.83 -21.18 -11.80
N ARG B 187 -23.78 -20.03 -11.12
CA ARG B 187 -24.93 -19.14 -11.08
C ARG B 187 -25.43 -18.80 -12.48
N ASP B 188 -24.52 -18.44 -13.39
CA ASP B 188 -24.91 -18.07 -14.74
C ASP B 188 -25.52 -19.24 -15.52
N GLN B 189 -25.19 -20.46 -15.15
CA GLN B 189 -25.73 -21.61 -15.87
C GLN B 189 -27.01 -22.16 -15.22
N GLY B 190 -27.60 -21.42 -14.30
CA GLY B 190 -28.87 -21.82 -13.71
C GLY B 190 -28.81 -22.50 -12.37
N TYR B 191 -27.65 -22.56 -11.73
CA TYR B 191 -27.58 -23.06 -10.36
C TYR B 191 -28.02 -21.92 -9.44
N GLY B 192 -29.12 -22.13 -8.71
CA GLY B 192 -29.71 -21.04 -7.95
C GLY B 192 -28.80 -20.50 -6.86
N LYS B 193 -28.15 -21.39 -6.11
CA LYS B 193 -27.34 -21.05 -4.94
C LYS B 193 -26.02 -21.79 -5.00
N VAL B 194 -24.93 -21.08 -4.65
CA VAL B 194 -23.57 -21.63 -4.67
C VAL B 194 -22.92 -21.34 -3.33
N ALA B 195 -22.21 -22.33 -2.79
CA ALA B 195 -21.36 -22.11 -1.61
C ALA B 195 -19.91 -22.18 -2.04
N VAL B 196 -19.09 -21.27 -1.51
CA VAL B 196 -17.64 -21.28 -1.69
C VAL B 196 -17.04 -21.48 -0.31
N LEU B 197 -16.37 -22.62 -0.11
CA LEU B 197 -15.75 -22.98 1.16
C LEU B 197 -14.24 -22.82 1.03
N ASP B 198 -13.65 -21.97 1.86
CA ASP B 198 -12.24 -21.63 1.78
C ASP B 198 -11.52 -22.29 2.96
N VAL B 199 -10.79 -23.38 2.67
CA VAL B 199 -10.05 -24.13 3.68
C VAL B 199 -8.54 -23.88 3.62
N ASP B 200 -8.09 -23.06 2.68
CA ASP B 200 -6.73 -22.54 2.69
C ASP B 200 -6.44 -21.85 4.01
N PHE B 201 -5.18 -21.84 4.43
CA PHE B 201 -4.83 -21.29 5.75
C PHE B 201 -5.16 -19.81 5.86
N HIS B 202 -5.11 -19.07 4.77
CA HIS B 202 -5.36 -17.63 4.80
C HIS B 202 -6.80 -17.32 4.42
N HIS B 203 -7.28 -16.16 4.87
CA HIS B 203 -8.64 -15.75 4.56
C HIS B 203 -8.84 -15.56 3.05
N GLY B 204 -9.95 -16.08 2.53
CA GLY B 204 -10.37 -15.77 1.17
C GLY B 204 -11.01 -14.40 1.08
N ASN B 205 -10.21 -13.35 1.28
CA ASN B 205 -10.77 -12.00 1.33
C ASN B 205 -11.34 -11.58 -0.03
N GLY B 206 -10.69 -11.97 -1.12
CA GLY B 206 -11.23 -11.61 -2.43
C GLY B 206 -12.61 -12.20 -2.67
N THR B 207 -12.77 -13.48 -2.37
CA THR B 207 -14.07 -14.13 -2.54
C THR B 207 -15.12 -13.47 -1.66
N GLN B 208 -14.75 -13.13 -0.43
CA GLN B 208 -15.67 -12.46 0.48
C GLN B 208 -16.14 -11.13 -0.07
N ALA B 209 -15.19 -10.30 -0.51
CA ALA B 209 -15.56 -9.00 -1.05
C ALA B 209 -16.44 -9.14 -2.29
N ILE B 210 -16.13 -10.12 -3.15
CA ILE B 210 -16.82 -10.21 -4.44
C ILE B 210 -18.31 -10.45 -4.25
N PHE B 211 -18.68 -11.30 -3.29
CA PHE B 211 -20.07 -11.68 -3.08
C PHE B 211 -20.66 -11.05 -1.81
N TYR B 212 -20.02 -10.01 -1.26
CA TYR B 212 -20.34 -9.59 0.10
C TYR B 212 -21.77 -9.10 0.25
N ASP B 213 -22.33 -8.46 -0.77
CA ASP B 213 -23.68 -7.94 -0.65
C ASP B 213 -24.71 -8.85 -1.30
N ARG B 214 -24.40 -10.14 -1.47
CA ARG B 214 -25.27 -11.09 -2.14
C ARG B 214 -25.61 -12.28 -1.24
N SER B 215 -26.83 -12.76 -1.37
CA SER B 215 -27.32 -13.92 -0.65
C SER B 215 -27.37 -15.17 -1.53
N ASP B 216 -27.06 -15.07 -2.82
CA ASP B 216 -27.12 -16.24 -3.68
C ASP B 216 -25.81 -17.01 -3.70
N VAL B 217 -24.72 -16.43 -3.19
CA VAL B 217 -23.45 -17.11 -3.04
C VAL B 217 -23.03 -17.01 -1.58
N LEU B 218 -23.00 -18.15 -0.90
CA LEU B 218 -22.56 -18.22 0.48
C LEU B 218 -21.05 -18.35 0.51
N THR B 219 -20.38 -17.50 1.26
CA THR B 219 -18.92 -17.53 1.34
C THR B 219 -18.48 -17.82 2.77
N ILE B 220 -17.71 -18.89 2.94
CA ILE B 220 -17.17 -19.30 4.22
C ILE B 220 -15.66 -19.44 4.08
N SER B 221 -14.94 -19.01 5.11
CA SER B 221 -13.50 -19.21 5.16
C SER B 221 -13.07 -19.57 6.57
N LEU B 222 -12.23 -20.59 6.69
CA LEU B 222 -11.48 -20.91 7.90
C LEU B 222 -10.05 -20.45 7.70
N HIS B 223 -9.46 -19.77 8.68
CA HIS B 223 -8.12 -19.22 8.41
C HIS B 223 -7.47 -18.81 9.72
N GLY B 224 -6.15 -18.60 9.65
CA GLY B 224 -5.45 -18.02 10.78
C GLY B 224 -5.94 -16.61 11.06
N ASP B 225 -5.92 -16.26 12.34
CA ASP B 225 -6.34 -14.95 12.83
C ASP B 225 -5.68 -13.82 12.03
N PRO B 226 -6.44 -12.99 11.30
CA PRO B 226 -5.82 -11.90 10.54
C PRO B 226 -5.26 -10.79 11.42
N ASP B 227 -5.57 -10.78 12.72
CA ASP B 227 -4.79 -9.92 13.62
C ASP B 227 -3.31 -10.26 13.53
N LEU B 228 -3.00 -11.52 13.22
CA LEU B 228 -1.63 -12.01 13.23
C LEU B 228 -1.06 -12.26 11.84
N VAL B 229 -1.88 -12.63 10.85
CA VAL B 229 -1.35 -13.02 9.55
C VAL B 229 -2.13 -12.37 8.42
N PHE B 230 -1.55 -12.43 7.24
CA PHE B 230 -2.18 -11.95 6.02
C PHE B 230 -3.57 -12.56 5.90
N PRO B 231 -4.58 -11.80 5.41
CA PRO B 231 -4.56 -10.44 4.84
C PRO B 231 -4.68 -9.25 5.82
N HIS B 232 -4.73 -9.52 7.13
CA HIS B 232 -4.73 -8.51 8.20
C HIS B 232 -5.96 -7.60 8.30
N PHE B 233 -6.49 -7.09 7.19
CA PHE B 233 -7.52 -6.06 7.26
C PHE B 233 -8.90 -6.56 6.84
N LEU B 234 -9.05 -7.87 6.66
CA LEU B 234 -10.30 -8.54 6.42
C LEU B 234 -10.13 -9.93 7.00
N GLY B 235 -11.25 -10.60 7.24
CA GLY B 235 -11.26 -11.96 7.73
C GLY B 235 -11.72 -12.10 9.17
N PHE B 236 -12.17 -11.02 9.80
CA PHE B 236 -12.54 -11.13 11.20
C PHE B 236 -13.96 -11.69 11.29
N GLU B 237 -14.27 -12.23 12.48
CA GLU B 237 -15.51 -12.98 12.65
C GLU B 237 -16.74 -12.08 12.67
N ASP B 238 -16.57 -10.78 12.84
CA ASP B 238 -17.71 -9.87 12.78
C ASP B 238 -18.09 -9.48 11.35
N GLU B 239 -17.42 -10.01 10.33
CA GLU B 239 -17.74 -9.72 8.92
C GLU B 239 -18.74 -10.76 8.43
N THR B 240 -20.03 -10.42 8.49
CA THR B 240 -21.06 -11.39 8.17
C THR B 240 -21.86 -11.02 6.92
N GLY B 241 -21.44 -10.01 6.19
CA GLY B 241 -22.11 -9.60 4.96
C GLY B 241 -22.65 -8.18 5.08
N GLU B 242 -23.24 -7.72 3.97
CA GLU B 242 -23.89 -6.42 3.99
C GLU B 242 -25.10 -6.46 3.06
N GLY B 243 -26.09 -5.60 3.37
CA GLY B 243 -27.28 -5.52 2.54
C GLY B 243 -28.00 -6.85 2.49
N ASP B 244 -28.37 -7.29 1.29
CA ASP B 244 -28.95 -8.62 1.11
C ASP B 244 -27.96 -9.74 1.46
N GLY B 245 -26.67 -9.43 1.55
CA GLY B 245 -25.67 -10.43 1.90
C GLY B 245 -25.47 -10.68 3.38
N GLU B 246 -26.22 -9.99 4.24
CA GLU B 246 -26.08 -10.22 5.68
C GLU B 246 -26.44 -11.65 6.02
N ALA B 247 -25.55 -12.30 6.78
CA ALA B 247 -25.58 -13.73 7.17
C ALA B 247 -25.20 -14.67 6.04
N TYR B 248 -24.68 -14.17 4.93
CA TYR B 248 -24.17 -15.04 3.85
C TYR B 248 -22.65 -14.93 3.69
N ASN B 249 -21.96 -14.52 4.75
CA ASN B 249 -20.52 -14.63 4.83
C ASN B 249 -20.20 -15.10 6.23
N LEU B 250 -19.24 -16.02 6.35
CA LEU B 250 -18.87 -16.59 7.64
C LEU B 250 -17.36 -16.80 7.70
N ASN B 251 -16.71 -16.10 8.61
CA ASN B 251 -15.28 -16.24 8.88
C ASN B 251 -15.11 -16.97 10.21
N ILE B 252 -14.25 -17.99 10.22
CA ILE B 252 -13.93 -18.78 11.41
C ILE B 252 -12.41 -18.72 11.57
N VAL B 253 -11.92 -18.02 12.62
CA VAL B 253 -10.48 -17.78 12.77
C VAL B 253 -9.90 -18.70 13.84
N PHE B 254 -8.60 -18.97 13.74
CA PHE B 254 -7.90 -19.83 14.69
C PHE B 254 -6.52 -19.25 15.01
N PRO B 255 -5.98 -19.57 16.20
CA PRO B 255 -4.69 -19.01 16.62
C PRO B 255 -3.53 -19.93 16.25
N PRO B 256 -2.28 -19.55 16.54
CA PRO B 256 -1.16 -20.46 16.30
C PRO B 256 -1.37 -21.80 17.00
N ASP B 257 -0.77 -22.84 16.41
CA ASP B 257 -0.69 -24.19 16.97
C ASP B 257 -2.02 -24.92 16.95
N THR B 258 -2.98 -24.42 16.18
CA THR B 258 -4.28 -25.05 16.16
C THR B 258 -4.16 -26.45 15.55
N PRO B 259 -4.60 -27.49 16.25
CA PRO B 259 -4.57 -28.85 15.70
C PRO B 259 -5.84 -29.17 14.91
N PHE B 260 -5.77 -30.29 14.19
CA PHE B 260 -6.91 -30.69 13.37
C PHE B 260 -8.17 -30.90 14.21
N SER B 261 -8.02 -31.38 15.44
CA SER B 261 -9.21 -31.59 16.28
C SER B 261 -10.01 -30.30 16.43
N ILE B 262 -9.33 -29.17 16.59
CA ILE B 262 -10.01 -27.89 16.77
C ILE B 262 -10.43 -27.31 15.42
N TRP B 263 -9.52 -27.31 14.45
CA TRP B 263 -9.87 -26.87 13.10
C TRP B 263 -11.12 -27.59 12.59
N SER B 264 -11.18 -28.92 12.81
CA SER B 264 -12.36 -29.71 12.42
C SER B 264 -13.63 -29.20 13.06
N GLN B 265 -13.56 -28.70 14.29
CA GLN B 265 -14.75 -28.10 14.90
C GLN B 265 -15.23 -26.90 14.09
N GLY B 266 -14.28 -26.10 13.57
CA GLY B 266 -14.65 -25.03 12.67
C GLY B 266 -15.23 -25.56 11.36
N LEU B 267 -14.65 -26.64 10.82
CA LEU B 267 -15.19 -27.24 9.60
C LEU B 267 -16.64 -27.67 9.80
N GLU B 268 -16.95 -28.31 10.94
CA GLU B 268 -18.33 -28.72 11.22
C GLU B 268 -19.28 -27.52 11.22
N LYS B 269 -18.88 -26.42 11.87
CA LYS B 269 -19.67 -25.19 11.81
C LYS B 269 -19.92 -24.76 10.37
N ALA B 270 -18.86 -24.77 9.56
CA ALA B 270 -19.00 -24.45 8.14
C ALA B 270 -19.98 -25.40 7.46
N CYS B 271 -19.78 -26.71 7.66
CA CYS B 271 -20.64 -27.70 7.02
C CYS B 271 -22.10 -27.51 7.43
N GLU B 272 -22.35 -27.22 8.70
CA GLU B 272 -23.71 -26.98 9.15
C GLU B 272 -24.33 -25.75 8.49
N ARG B 273 -23.53 -24.68 8.34
CA ARG B 273 -24.02 -23.50 7.64
C ARG B 273 -24.28 -23.78 6.16
N ILE B 274 -23.47 -24.66 5.54
CA ILE B 274 -23.75 -25.06 4.17
C ILE B 274 -25.06 -25.85 4.11
N ARG B 275 -25.30 -26.71 5.12
CA ARG B 275 -26.51 -27.55 5.11
C ARG B 275 -27.78 -26.71 5.20
N THR B 276 -27.82 -25.72 6.07
CA THR B 276 -29.02 -24.88 6.15
C THR B 276 -29.13 -23.99 4.92
N PHE B 277 -28.00 -23.62 4.32
CA PHE B 277 -28.06 -22.78 3.13
C PHE B 277 -28.55 -23.56 1.90
N ALA B 278 -28.28 -24.86 1.85
CA ALA B 278 -28.80 -25.76 0.84
C ALA B 278 -28.42 -25.30 -0.57
N PRO B 279 -27.14 -25.22 -0.89
CA PRO B 279 -26.73 -24.76 -2.22
C PRO B 279 -26.95 -25.84 -3.27
N ASP B 280 -26.83 -25.42 -4.52
CA ASP B 280 -26.87 -26.32 -5.66
C ASP B 280 -25.49 -26.68 -6.18
N ALA B 281 -24.44 -25.98 -5.75
CA ALA B 281 -23.09 -26.36 -6.09
C ALA B 281 -22.16 -25.87 -4.99
N LEU B 282 -20.99 -26.52 -4.92
CA LEU B 282 -19.96 -26.21 -3.94
C LEU B 282 -18.65 -25.94 -4.68
N VAL B 283 -18.02 -24.81 -4.39
CA VAL B 283 -16.64 -24.57 -4.80
C VAL B 283 -15.78 -24.61 -3.54
N VAL B 284 -14.77 -25.47 -3.54
CA VAL B 284 -13.83 -25.53 -2.42
C VAL B 284 -12.53 -24.88 -2.86
N ALA B 285 -12.21 -23.73 -2.25
CA ALA B 285 -10.90 -23.12 -2.46
C ALA B 285 -9.95 -23.83 -1.52
N LEU B 286 -9.10 -24.68 -2.08
CA LEU B 286 -8.31 -25.63 -1.31
C LEU B 286 -6.87 -25.15 -1.23
N GLY B 287 -6.43 -24.87 -0.02
CA GLY B 287 -5.01 -24.67 0.27
C GLY B 287 -4.56 -25.72 1.27
N VAL B 288 -3.36 -26.23 1.06
CA VAL B 288 -2.75 -27.15 2.01
C VAL B 288 -1.65 -26.44 2.82
N ASP B 289 -1.72 -25.11 2.92
CA ASP B 289 -0.84 -24.41 3.86
C ASP B 289 -1.33 -24.50 5.30
N THR B 290 -2.40 -25.25 5.57
CA THR B 290 -2.76 -25.64 6.93
C THR B 290 -1.83 -26.74 7.48
N PHE B 291 -0.91 -27.22 6.63
CA PHE B 291 0.01 -28.30 6.97
C PHE B 291 0.97 -27.89 8.10
N GLU B 292 1.30 -28.85 8.97
CA GLU B 292 2.17 -28.57 10.11
C GLU B 292 3.57 -28.12 9.70
N GLU B 293 4.03 -28.46 8.49
CA GLU B 293 5.36 -28.08 8.04
C GLU B 293 5.34 -26.91 7.05
N ASP B 294 4.26 -26.14 7.02
CA ASP B 294 4.18 -25.03 6.07
C ASP B 294 5.08 -23.90 6.54
N PRO B 295 5.92 -23.33 5.66
CA PRO B 295 6.91 -22.33 6.10
C PRO B 295 6.33 -20.98 6.53
N ILE B 296 5.09 -20.63 6.17
CA ILE B 296 4.59 -19.29 6.45
C ILE B 296 3.24 -19.32 7.17
N SER B 297 2.90 -20.44 7.81
CA SER B 297 1.59 -20.64 8.42
C SER B 297 1.73 -21.44 9.71
N PHE B 298 0.69 -21.37 10.57
CA PHE B 298 0.85 -21.91 11.93
C PHE B 298 -0.26 -22.88 12.37
N PHE B 299 -0.90 -23.60 11.45
CA PHE B 299 -1.74 -24.73 11.86
C PHE B 299 -0.91 -26.01 11.82
N LYS B 300 -1.50 -27.09 12.32
CA LYS B 300 -0.74 -28.31 12.59
C LYS B 300 -1.45 -29.55 12.03
N LEU B 301 -2.10 -29.43 10.87
CA LEU B 301 -2.68 -30.59 10.22
C LEU B 301 -1.59 -31.54 9.72
N THR B 302 -1.88 -32.84 9.75
CA THR B 302 -1.01 -33.86 9.19
C THR B 302 -1.47 -34.22 7.79
N SER B 303 -0.60 -34.90 7.06
CA SER B 303 -0.98 -35.35 5.72
C SER B 303 -2.18 -36.29 5.78
N GLY B 304 -2.27 -37.14 6.80
CA GLY B 304 -3.44 -37.98 6.95
C GLY B 304 -4.73 -37.20 7.17
N ASP B 305 -4.63 -36.01 7.77
CA ASP B 305 -5.84 -35.22 8.01
C ASP B 305 -6.46 -34.73 6.71
N TYR B 306 -5.70 -34.70 5.61
CA TYR B 306 -6.26 -34.26 4.34
C TYR B 306 -7.16 -35.32 3.73
N LEU B 307 -6.90 -36.60 4.00
CA LEU B 307 -7.83 -37.64 3.62
C LEU B 307 -9.16 -37.47 4.33
N LYS B 308 -9.13 -37.19 5.64
CA LYS B 308 -10.35 -36.93 6.39
C LYS B 308 -11.05 -35.68 5.88
N LEU B 309 -10.28 -34.65 5.52
CA LEU B 309 -10.90 -33.44 4.98
C LEU B 309 -11.72 -33.75 3.73
N GLY B 310 -11.11 -34.46 2.77
CA GLY B 310 -11.82 -34.80 1.56
C GLY B 310 -13.02 -35.69 1.82
N LYS B 311 -12.88 -36.62 2.77
CA LYS B 311 -14.01 -37.47 3.12
C LYS B 311 -15.17 -36.63 3.65
N ARG B 312 -14.88 -35.65 4.50
CA ARG B 312 -15.95 -34.85 5.10
C ARG B 312 -16.62 -33.94 4.07
N LEU B 313 -15.83 -33.41 3.12
CA LEU B 313 -16.40 -32.63 2.03
C LEU B 313 -17.33 -33.47 1.17
N GLU B 314 -16.92 -34.70 0.85
CA GLU B 314 -17.79 -35.58 0.06
C GLU B 314 -19.14 -35.79 0.73
N GLN B 315 -19.17 -35.86 2.06
CA GLN B 315 -20.41 -36.10 2.79
C GLN B 315 -21.40 -34.94 2.69
N LEU B 316 -20.96 -33.75 2.26
CA LEU B 316 -21.92 -32.68 1.98
C LEU B 316 -22.85 -33.04 0.83
N GLY B 317 -22.46 -33.99 -0.02
CA GLY B 317 -23.32 -34.47 -1.10
C GLY B 317 -23.55 -33.50 -2.23
N LEU B 318 -22.58 -32.65 -2.55
CA LEU B 318 -22.84 -31.61 -3.54
C LEU B 318 -21.95 -31.77 -4.76
N PRO B 319 -22.38 -31.25 -5.92
CA PRO B 319 -21.43 -31.04 -7.02
C PRO B 319 -20.29 -30.13 -6.56
N THR B 320 -19.06 -30.56 -6.77
CA THR B 320 -17.94 -29.90 -6.10
C THR B 320 -16.80 -29.63 -7.06
N VAL B 321 -16.33 -28.38 -7.07
CA VAL B 321 -15.15 -27.95 -7.82
C VAL B 321 -14.08 -27.55 -6.80
N PHE B 322 -12.91 -28.17 -6.90
CA PHE B 322 -11.75 -27.82 -6.06
C PHE B 322 -10.86 -26.88 -6.86
N THR B 323 -10.62 -25.68 -6.33
CA THR B 323 -9.65 -24.78 -6.93
C THR B 323 -8.44 -24.70 -6.03
N MET B 324 -7.26 -24.94 -6.61
CA MET B 324 -6.02 -24.97 -5.83
C MET B 324 -5.61 -23.56 -5.46
N GLU B 325 -5.40 -23.32 -4.16
CA GLU B 325 -4.94 -22.04 -3.67
C GLU B 325 -3.50 -22.19 -3.17
N GLY B 326 -3.27 -22.10 -1.87
CA GLY B 326 -1.93 -22.07 -1.33
C GLY B 326 -1.43 -23.42 -0.84
N GLY B 327 -0.26 -23.38 -0.21
CA GLY B 327 0.46 -24.60 0.14
C GLY B 327 1.87 -24.50 -0.40
N TYR B 328 2.85 -24.46 0.49
CA TYR B 328 4.21 -24.06 0.14
C TYR B 328 5.28 -24.99 0.67
N ASP B 329 4.91 -26.08 1.37
CA ASP B 329 5.88 -27.12 1.64
C ASP B 329 5.95 -28.01 0.42
N VAL B 330 6.98 -27.78 -0.39
CA VAL B 330 7.06 -28.37 -1.72
C VAL B 330 7.26 -29.88 -1.66
N ASP B 331 7.81 -30.41 -0.56
CA ASP B 331 7.92 -31.87 -0.46
C ASP B 331 6.55 -32.52 -0.30
N ALA B 332 5.65 -31.90 0.46
CA ALA B 332 4.40 -32.55 0.81
C ALA B 332 3.20 -32.01 0.03
N ILE B 333 3.36 -30.91 -0.71
CA ILE B 333 2.20 -30.25 -1.32
C ILE B 333 1.43 -31.21 -2.22
N GLY B 334 2.15 -32.01 -3.01
CA GLY B 334 1.48 -32.97 -3.88
C GLY B 334 0.73 -34.02 -3.09
N VAL B 335 1.39 -34.62 -2.09
CA VAL B 335 0.74 -35.62 -1.25
C VAL B 335 -0.48 -35.02 -0.55
N ASN B 336 -0.34 -33.82 0.00
CA ASN B 336 -1.44 -33.23 0.75
C ASN B 336 -2.66 -32.96 -0.14
N ALA B 337 -2.44 -32.31 -1.30
CA ALA B 337 -3.58 -31.92 -2.12
C ALA B 337 -4.29 -33.14 -2.70
N VAL B 338 -3.54 -34.10 -3.24
CA VAL B 338 -4.14 -35.30 -3.81
C VAL B 338 -4.85 -36.11 -2.73
N ASN B 339 -4.34 -36.07 -1.49
CA ASN B 339 -5.01 -36.73 -0.37
C ASN B 339 -6.43 -36.20 -0.18
N VAL B 340 -6.63 -34.90 -0.36
CA VAL B 340 -7.99 -34.35 -0.29
C VAL B 340 -8.88 -35.01 -1.34
N MET B 341 -8.38 -35.13 -2.57
CA MET B 341 -9.17 -35.74 -3.65
C MET B 341 -9.43 -37.22 -3.39
N GLN B 342 -8.39 -37.94 -2.96
CA GLN B 342 -8.54 -39.36 -2.67
C GLN B 342 -9.45 -39.58 -1.47
N GLY B 343 -9.31 -38.72 -0.44
CA GLY B 343 -10.28 -38.74 0.64
C GLY B 343 -11.70 -38.59 0.12
N PHE B 344 -11.91 -37.64 -0.80
CA PHE B 344 -13.22 -37.38 -1.38
C PHE B 344 -13.73 -38.59 -2.15
N GLU B 345 -12.86 -39.26 -2.89
CA GLU B 345 -13.26 -40.43 -3.66
C GLU B 345 -13.33 -41.71 -2.81
N GLY B 346 -13.32 -41.59 -1.50
CA GLY B 346 -13.50 -42.74 -0.64
C GLY B 346 -12.26 -43.58 -0.42
N LYS B 347 -11.07 -42.99 -0.59
CA LYS B 347 -9.82 -43.74 -0.48
C LYS B 347 -8.95 -43.17 0.64
K K C . 3.88 21.43 -3.17
K K D . -7.80 23.96 5.76
ZN ZN E . 9.18 16.86 -3.08
MG MG F . 3.63 -10.66 9.79
MG MG G . -7.41 38.25 11.76
C2 FKS H . 10.03 5.75 -5.09
C3 FKS H . 10.12 7.17 -4.53
C4 FKS H . 10.15 8.21 -5.68
C6 FKS H . 8.73 10.33 -5.37
C7 FKS H . 8.08 10.69 -4.01
C8 FKS H . 9.04 11.40 -3.03
C9 FKS H . 8.64 12.87 -2.74
C10 FKS H . 9.17 13.37 -1.39
C11 FKS H . 9.44 14.92 -1.25
C12 FKS H . 10.00 15.10 0.22
F15 FKS H . 11.26 14.62 0.39
F16 FKS H . 9.27 14.46 1.13
F17 FKS H . 10.00 16.38 0.60
N5 FKS H . 10.10 9.63 -5.15
N1 FKS H . 11.25 4.95 -4.71
O13 FKS H . 10.38 15.41 -2.15
O14 FKS H . 8.24 15.67 -1.32
K K I . -9.44 -19.89 4.31
K K J . -22.12 -13.66 0.32
ZN ZN K . -2.82 -19.53 1.87
MG MG L . 5.63 6.87 -11.54
MG MG M . 9.88 -31.62 5.28
C2 FKS N . 5.75 -11.70 2.10
C3 FKS N . 4.58 -12.60 1.69
C4 FKS N . 4.13 -13.48 2.85
C6 FKS N . 1.62 -13.64 2.17
C7 FKS N . 0.41 -14.54 2.43
C8 FKS N . -0.32 -14.86 1.11
C9 FKS N . -1.09 -16.21 1.15
C10 FKS N . -1.37 -16.73 -0.26
C11 FKS N . -2.26 -18.03 -0.36
C12 FKS N . -2.58 -18.16 -1.94
F15 FKS N . -1.46 -18.12 -2.67
F16 FKS N . -3.37 -17.16 -2.40
F17 FKS N . -3.24 -19.29 -2.27
N5 FKS N . 2.96 -14.40 2.46
N1 FKS N . 6.82 -11.78 1.07
O13 FKS N . -1.58 -19.14 0.08
O14 FKS N . -3.45 -17.88 0.33
#